data_6PL6
#
_entry.id   6PL6
#
_cell.length_a   118.440
_cell.length_b   118.440
_cell.length_c   265.800
_cell.angle_alpha   90.000
_cell.angle_beta   90.000
_cell.angle_gamma   120.000
#
_symmetry.space_group_name_H-M   'P 32 2 1'
#
loop_
_entity.id
_entity.type
_entity.pdbx_description
1 polymer 'Peptidoglycan glycosyltransferase RodA'
2 polymer 'Penicillin-binding protein 2/cell division protein FtsI'
3 polymer 'Unknown peptide'
4 non-polymer '(2R,4S)-2-[(1R)-1-{[(2R)-2-amino-2-phenylacetyl]amino}-2-oxoethyl]-5,5-dimethyl-1,3-thiazolidine-4-carboxylic acid'
#
loop_
_entity_poly.entity_id
_entity_poly.type
_entity_poly.pdbx_seq_one_letter_code
_entity_poly.pdbx_strand_id
1 'polypeptide(L)'
;DYKDDDDLEVLFQGPGGSSAPARPNWLAYDWGLVFLVAAIVALGFVNLGSAAPDPVLLYRQSVALGLGLLLAFLLQFLSR
RRLFGLAYPLYGASLLLLALVLVVGREINGARAWFVLGPLQFQPLELAKLGLLLALAKALEGRPIARVWDYALPALLTLP
VVGLLLLQPDLGGALVVLFGVFVVVFVRGLPWRHLLVGLFALALLVPTAVWPNLKPYQRERVLIVLDPYRDPLGQGFQVI
QSTIAIGSGGLFGKGYGQGTQAQLGFIPFRHTAFVFSVWAEEWGFVGVVGLLGLYGLLLARLFALALACPRLSDRLFLSG
FAGMLGFQVVVNLGVALGVMPVTGLTLPLFSYGGSSLIATLAGLGLVLLVHRDRYQD
;
A
2 'polypeptide(L)'
;MGTGRIHALALFFALALFLLGLRAWQLQVLEYERYALRSQGNYLKTEDIPAPRGKILDRKGRVLAQDRLVVDLVYTGGEV
AFKERLLPLLGLEDLPQVTEPTVLKAGVPEALRPTLEELTAGQKNLYLRERIERYYPNPISGPVMGYVLRANAAQVKQGY
SPEEEVGQAGLEAALEPYLRGKRGVRAVEVNVRGERLRETVLEEPTPGQDVVLTLDLALQRAAEKALEEALADINAGRRL
NGLPEEKQVKGAIVALDPTTGEVLAMASAPSFDPNLFAKRPVPEEAKALLEDKNLPLLNRAVQPYTPGSTFKLATSYALL
EEGYVTPATTYRCSPYIVFGGQVRRNWASRDMGPMTVREAIAWSCNTWYYQAVAQDPLGFVDRLARRARLLGLGEATGLE
VAEKTGLLPTRAWKREALGEPWYPGETLSVAIGQGAVLATPAQIARMLATIATGGNKPALHLVKAIGGVPVQPRWEKVPG
RYWKVLQEGLRKTVSEGTARFVLGEFPVPTGGKTGTAETPGKRRGLEHAWYMGYGPTDGSPYPPLVVVAFFENGGEGSRV
ALPAVRKVMAAYWGIKGSLEVLFQGPEDQVDPRLIDGK
;
B
3 'polypeptide(L)' (UNK)(UNK)(UNK)(UNK)(UNK)(UNK)(UNK)(UNK)(UNK)(UNK)(UNK) D
#
# COMPACT_ATOMS: atom_id res chain seq x y z
N TRP A 26 5.71 65.75 1.17
CA TRP A 26 5.28 66.43 -0.05
C TRP A 26 3.81 66.15 -0.35
N LEU A 27 3.26 65.16 0.35
CA LEU A 27 1.86 64.75 0.19
C LEU A 27 1.55 64.37 -1.26
N ALA A 28 2.49 63.70 -1.91
CA ALA A 28 2.35 63.24 -3.29
C ALA A 28 2.26 61.73 -3.37
N TYR A 29 1.73 61.09 -2.32
CA TYR A 29 1.59 59.64 -2.28
C TYR A 29 0.31 59.23 -3.00
N ASP A 30 -0.01 57.94 -2.95
CA ASP A 30 -1.26 57.40 -3.44
C ASP A 30 -2.07 57.00 -2.21
N TRP A 31 -2.96 57.90 -1.77
CA TRP A 31 -3.76 57.61 -0.59
C TRP A 31 -4.74 56.47 -0.81
N GLY A 32 -5.03 56.13 -2.07
CA GLY A 32 -5.88 54.98 -2.33
C GLY A 32 -5.24 53.68 -1.88
N LEU A 33 -3.91 53.58 -2.01
CA LEU A 33 -3.22 52.39 -1.53
C LEU A 33 -3.17 52.36 -0.01
N VAL A 34 -2.99 53.51 0.62
CA VAL A 34 -2.94 53.56 2.08
C VAL A 34 -4.30 53.24 2.67
N PHE A 35 -5.38 53.68 2.02
CA PHE A 35 -6.72 53.38 2.52
C PHE A 35 -7.06 51.90 2.35
N LEU A 36 -6.55 51.25 1.31
CA LEU A 36 -6.79 49.82 1.14
C LEU A 36 -6.05 49.00 2.18
N VAL A 37 -4.82 49.39 2.50
CA VAL A 37 -4.08 48.71 3.56
C VAL A 37 -4.74 48.96 4.92
N ALA A 38 -5.16 50.20 5.16
CA ALA A 38 -5.80 50.53 6.44
C ALA A 38 -7.12 49.79 6.61
N ALA A 39 -7.87 49.59 5.53
CA ALA A 39 -9.14 48.89 5.64
C ALA A 39 -8.95 47.40 5.88
N ILE A 40 -7.85 46.83 5.38
CA ILE A 40 -7.59 45.41 5.59
C ILE A 40 -7.08 45.16 7.00
N VAL A 41 -6.12 45.96 7.46
CA VAL A 41 -5.63 45.82 8.83
C VAL A 41 -6.69 46.20 9.85
N ALA A 42 -7.71 46.95 9.43
CA ALA A 42 -8.83 47.24 10.33
C ALA A 42 -9.67 45.98 10.55
N LEU A 43 -10.02 45.29 9.47
CA LEU A 43 -10.74 44.02 9.60
C LEU A 43 -9.89 42.95 10.26
N GLY A 44 -8.57 43.06 10.20
CA GLY A 44 -7.72 42.10 10.88
C GLY A 44 -7.83 42.19 12.38
N PHE A 45 -7.77 43.41 12.91
CA PHE A 45 -7.97 43.60 14.35
C PHE A 45 -9.39 43.25 14.77
N VAL A 46 -10.37 43.48 13.90
CA VAL A 46 -11.74 43.11 14.22
C VAL A 46 -11.88 41.59 14.25
N ASN A 47 -11.23 40.89 13.32
CA ASN A 47 -11.35 39.44 13.27
C ASN A 47 -10.57 38.77 14.39
N LEU A 48 -9.48 39.38 14.85
CA LEU A 48 -8.77 38.84 15.99
C LEU A 48 -9.53 38.98 17.30
N GLY A 49 -10.68 39.67 17.28
CA GLY A 49 -11.50 39.76 18.48
C GLY A 49 -12.07 38.42 18.89
N SER A 50 -12.46 37.60 17.91
CA SER A 50 -12.94 36.25 18.17
C SER A 50 -11.84 35.20 17.98
N ALA A 51 -11.03 35.32 16.94
CA ALA A 51 -9.91 34.41 16.73
C ALA A 51 -8.85 34.68 17.79
N ALA A 52 -8.72 33.77 18.75
CA ALA A 52 -7.82 33.92 19.90
C ALA A 52 -8.16 35.21 20.64
N PRO A 53 -9.22 35.22 21.44
CA PRO A 53 -9.60 36.45 22.15
C PRO A 53 -8.77 36.70 23.41
N ASP A 54 -7.54 36.20 23.42
CA ASP A 54 -6.64 36.44 24.53
C ASP A 54 -6.25 37.92 24.55
N PRO A 55 -6.57 38.66 25.62
CA PRO A 55 -6.17 40.08 25.65
C PRO A 55 -4.68 40.29 25.61
N VAL A 56 -3.88 39.32 26.06
CA VAL A 56 -2.43 39.44 25.96
C VAL A 56 -1.99 39.42 24.51
N LEU A 57 -2.69 38.68 23.66
CA LEU A 57 -2.34 38.65 22.24
C LEU A 57 -2.77 39.94 21.54
N LEU A 58 -3.88 40.54 21.96
CA LEU A 58 -4.31 41.79 21.35
C LEU A 58 -3.38 42.94 21.72
N TYR A 59 -2.69 42.85 22.86
CA TYR A 59 -1.73 43.88 23.22
C TYR A 59 -0.50 43.82 22.31
N ARG A 60 0.08 42.62 22.15
CA ARG A 60 1.25 42.47 21.31
C ARG A 60 0.94 42.73 19.83
N GLN A 61 -0.31 42.59 19.42
CA GLN A 61 -0.69 42.93 18.05
C GLN A 61 -0.87 44.43 17.87
N SER A 62 -1.39 45.11 18.89
CA SER A 62 -1.57 46.55 18.80
C SER A 62 -0.23 47.28 18.82
N VAL A 63 0.69 46.85 19.68
CA VAL A 63 2.01 47.46 19.72
C VAL A 63 2.83 47.10 18.49
N ALA A 64 2.45 46.02 17.79
CA ALA A 64 3.12 45.71 16.54
C ALA A 64 2.70 46.66 15.42
N LEU A 65 1.43 47.05 15.41
CA LEU A 65 0.97 48.02 14.42
C LEU A 65 1.56 49.39 14.67
N GLY A 66 1.77 49.76 15.94
CA GLY A 66 2.40 51.04 16.24
C GLY A 66 3.82 51.12 15.74
N LEU A 67 4.60 50.06 15.94
CA LEU A 67 5.96 50.04 15.42
C LEU A 67 5.99 49.83 13.91
N GLY A 68 5.04 49.07 13.38
CA GLY A 68 4.96 48.89 11.93
C GLY A 68 4.62 50.17 11.20
N LEU A 69 3.83 51.05 11.82
CA LEU A 69 3.53 52.34 11.22
C LEU A 69 4.62 53.37 11.48
N LEU A 70 5.29 53.28 12.64
CA LEU A 70 6.38 54.21 12.93
C LEU A 70 7.60 53.91 12.07
N LEU A 71 7.87 52.64 11.79
CA LEU A 71 9.00 52.28 10.94
C LEU A 71 8.77 52.76 9.51
N ALA A 72 7.56 52.61 9.00
CA ALA A 72 7.25 53.11 7.67
C ALA A 72 7.34 54.62 7.61
N PHE A 73 6.97 55.30 8.69
CA PHE A 73 7.12 56.75 8.76
C PHE A 73 8.59 57.15 8.78
N LEU A 74 9.45 56.33 9.38
CA LEU A 74 10.87 56.62 9.38
C LEU A 74 11.53 56.29 8.06
N LEU A 75 11.05 55.26 7.36
CA LEU A 75 11.60 54.92 6.05
C LEU A 75 11.28 55.98 5.00
N GLN A 76 10.26 56.81 5.25
CA GLN A 76 9.99 57.92 4.34
C GLN A 76 11.05 59.01 4.45
N PHE A 77 11.85 59.03 5.52
CA PHE A 77 12.96 59.96 5.64
C PHE A 77 14.19 59.37 4.96
N LEU A 78 14.02 58.90 3.73
CA LEU A 78 15.11 58.31 2.96
C LEU A 78 14.82 58.56 1.48
N SER A 79 15.89 58.56 0.68
CA SER A 79 15.75 58.74 -0.75
C SER A 79 15.84 57.38 -1.46
N ARG A 80 15.30 57.34 -2.68
CA ARG A 80 15.34 56.10 -3.45
C ARG A 80 16.76 55.71 -3.83
N ARG A 81 17.63 56.69 -4.09
CA ARG A 81 19.01 56.38 -4.42
C ARG A 81 19.73 55.73 -3.25
N ARG A 82 19.45 56.19 -2.03
CA ARG A 82 20.02 55.55 -0.85
C ARG A 82 19.44 54.15 -0.63
N LEU A 83 18.18 53.94 -1.02
CA LEU A 83 17.56 52.62 -0.87
C LEU A 83 18.27 51.59 -1.74
N PHE A 84 18.33 51.84 -3.04
CA PHE A 84 19.03 50.93 -3.95
C PHE A 84 20.54 50.97 -3.75
N GLY A 85 21.06 52.00 -3.08
CA GLY A 85 22.47 52.01 -2.72
C GLY A 85 22.84 50.92 -1.73
N LEU A 86 21.88 50.45 -0.94
CA LEU A 86 22.09 49.38 0.02
C LEU A 86 21.52 48.05 -0.46
N ALA A 87 21.35 47.87 -1.78
CA ALA A 87 20.81 46.63 -2.30
C ALA A 87 21.74 45.46 -2.03
N TYR A 88 23.01 45.59 -2.43
CA TYR A 88 24.01 44.55 -2.18
C TYR A 88 24.42 44.48 -0.71
N PRO A 89 24.54 45.62 0.00
CA PRO A 89 24.74 45.51 1.46
C PRO A 89 23.65 44.72 2.17
N LEU A 90 22.38 44.98 1.84
CA LEU A 90 21.30 44.24 2.50
C LEU A 90 21.27 42.79 2.06
N TYR A 91 21.52 42.53 0.77
CA TYR A 91 21.56 41.15 0.29
C TYR A 91 22.71 40.38 0.94
N GLY A 92 23.89 41.00 1.04
CA GLY A 92 25.00 40.36 1.71
C GLY A 92 24.78 40.19 3.19
N ALA A 93 24.08 41.15 3.82
CA ALA A 93 23.78 41.03 5.24
C ALA A 93 22.67 40.01 5.49
N SER A 94 21.72 39.87 4.55
CA SER A 94 20.67 38.87 4.70
C SER A 94 21.22 37.46 4.58
N LEU A 95 22.24 37.26 3.75
CA LEU A 95 22.87 35.95 3.65
C LEU A 95 23.64 35.61 4.92
N LEU A 96 24.17 36.62 5.62
CA LEU A 96 24.85 36.36 6.88
C LEU A 96 23.87 35.94 7.98
N LEU A 97 22.65 36.47 7.93
CA LEU A 97 21.66 36.08 8.93
C LEU A 97 21.04 34.72 8.61
N LEU A 98 20.79 34.44 7.32
CA LEU A 98 20.28 33.14 6.93
C LEU A 98 21.30 32.02 7.20
N ALA A 99 22.59 32.35 7.26
CA ALA A 99 23.61 31.38 7.64
C ALA A 99 23.86 31.36 9.14
N LEU A 100 23.46 32.42 9.86
CA LEU A 100 23.61 32.46 11.31
C LEU A 100 22.37 31.97 12.03
N VAL A 101 21.19 32.07 11.40
CA VAL A 101 19.96 31.61 12.04
C VAL A 101 19.98 30.10 12.25
N LEU A 102 20.77 29.37 11.47
CA LEU A 102 20.88 27.92 11.62
C LEU A 102 21.85 27.52 12.73
N VAL A 103 22.29 28.46 13.56
CA VAL A 103 23.26 28.17 14.62
C VAL A 103 22.71 28.63 15.96
N VAL A 104 22.29 29.89 16.04
CA VAL A 104 21.85 30.48 17.30
C VAL A 104 20.37 30.86 17.21
N GLY A 105 19.62 30.17 16.36
CA GLY A 105 18.21 30.41 16.23
C GLY A 105 17.37 29.55 17.17
N ARG A 106 16.08 29.84 17.18
CA ARG A 106 15.12 29.09 18.00
C ARG A 106 14.22 28.25 17.09
N GLU A 107 13.98 27.01 17.53
CA GLU A 107 13.11 26.08 16.80
C GLU A 107 11.69 26.24 17.34
N ILE A 108 10.80 26.76 16.50
CA ILE A 108 9.40 26.95 16.86
C ILE A 108 8.54 25.78 16.41
N ASN A 109 8.69 25.35 15.15
CA ASN A 109 7.92 24.23 14.61
C ASN A 109 8.83 23.40 13.69
N GLY A 110 9.81 22.74 14.30
CA GLY A 110 10.71 21.88 13.54
C GLY A 110 11.69 22.61 12.65
N ALA A 111 11.90 23.91 12.87
CA ALA A 111 12.81 24.68 12.05
C ALA A 111 13.23 25.93 12.81
N ARG A 112 14.51 26.28 12.68
CA ARG A 112 15.04 27.49 13.30
C ARG A 112 15.01 28.62 12.26
N ALA A 113 14.19 29.63 12.52
CA ALA A 113 14.03 30.74 11.58
C ALA A 113 13.56 31.99 12.31
N TRP A 114 14.06 32.22 13.52
CA TRP A 114 13.68 33.38 14.29
C TRP A 114 14.84 33.81 15.18
N PHE A 115 14.87 35.11 15.49
CA PHE A 115 15.83 35.70 16.41
C PHE A 115 15.04 36.33 17.56
N VAL A 116 14.96 35.63 18.68
CA VAL A 116 14.22 36.09 19.84
C VAL A 116 15.19 36.18 21.01
N LEU A 117 15.55 37.41 21.39
CA LEU A 117 16.41 37.62 22.55
C LEU A 117 15.61 38.25 23.68
N GLY A 118 14.46 37.66 24.01
CA GLY A 118 13.58 38.19 25.02
C GLY A 118 12.44 38.99 24.41
N PRO A 119 12.46 40.31 24.62
CA PRO A 119 11.44 41.18 24.04
C PRO A 119 11.64 41.49 22.56
N LEU A 120 12.61 40.87 21.89
CA LEU A 120 12.85 41.10 20.48
C LEU A 120 12.27 39.97 19.65
N GLN A 121 11.84 40.30 18.43
CA GLN A 121 11.24 39.33 17.53
C GLN A 121 11.59 39.72 16.12
N PHE A 122 12.37 38.89 15.43
CA PHE A 122 12.85 39.19 14.10
C PHE A 122 13.02 37.89 13.32
N GLN A 123 12.77 37.97 12.01
CA GLN A 123 12.92 36.83 11.12
C GLN A 123 13.84 37.22 9.97
N PRO A 124 14.89 36.44 9.70
CA PRO A 124 15.80 36.81 8.60
C PRO A 124 15.21 36.63 7.21
N LEU A 125 14.13 35.86 7.08
CA LEU A 125 13.52 35.67 5.77
C LEU A 125 12.88 36.96 5.26
N GLU A 126 12.44 37.84 6.17
CA GLU A 126 11.90 39.12 5.76
C GLU A 126 12.97 40.01 5.13
N LEU A 127 14.17 40.02 5.73
CA LEU A 127 15.26 40.80 5.17
C LEU A 127 15.78 40.17 3.88
N ALA A 128 15.64 38.86 3.73
CA ALA A 128 16.08 38.20 2.50
C ALA A 128 15.18 38.60 1.33
N LYS A 129 13.87 38.70 1.56
CA LYS A 129 12.97 39.09 0.48
C LYS A 129 13.16 40.56 0.11
N LEU A 130 13.15 41.45 1.10
CA LEU A 130 13.34 42.87 0.85
C LEU A 130 14.77 43.19 0.40
N GLY A 131 15.71 42.27 0.60
CA GLY A 131 17.07 42.46 0.15
C GLY A 131 17.32 41.90 -1.23
N LEU A 132 16.66 40.79 -1.56
CA LEU A 132 16.81 40.18 -2.88
C LEU A 132 16.06 40.96 -3.94
N LEU A 133 14.92 41.58 -3.59
CA LEU A 133 14.20 42.38 -4.57
C LEU A 133 14.99 43.62 -4.98
N LEU A 134 15.68 44.26 -4.02
CA LEU A 134 16.52 45.40 -4.36
C LEU A 134 17.76 44.94 -5.13
N ALA A 135 18.41 43.87 -4.67
CA ALA A 135 19.64 43.42 -5.32
C ALA A 135 19.38 42.92 -6.73
N LEU A 136 18.30 42.15 -6.93
CA LEU A 136 18.01 41.63 -8.25
C LEU A 136 17.45 42.71 -9.18
N ALA A 137 16.98 43.83 -8.64
CA ALA A 137 16.55 44.94 -9.49
C ALA A 137 17.74 45.77 -9.94
N LYS A 138 18.65 46.09 -9.02
CA LYS A 138 19.85 46.83 -9.38
C LYS A 138 20.74 46.04 -10.33
N ALA A 139 20.77 44.72 -10.19
CA ALA A 139 21.61 43.88 -11.04
C ALA A 139 21.00 43.72 -12.43
N LEU A 140 19.71 43.39 -12.50
CA LEU A 140 19.04 43.13 -13.78
C LEU A 140 18.68 44.40 -14.53
N GLU A 141 19.11 45.57 -14.07
CA GLU A 141 18.89 46.78 -14.85
C GLU A 141 19.76 46.82 -16.10
N GLY A 142 20.83 46.02 -16.14
CA GLY A 142 21.65 45.88 -17.31
C GLY A 142 21.07 44.87 -18.29
N ARG A 143 21.88 44.52 -19.28
CA ARG A 143 21.43 43.65 -20.35
C ARG A 143 21.50 42.18 -19.91
N PRO A 144 20.39 41.44 -19.94
CA PRO A 144 20.46 39.99 -19.68
C PRO A 144 20.68 39.20 -20.96
N ILE A 145 21.76 38.43 -21.02
CA ILE A 145 22.09 37.64 -22.21
C ILE A 145 21.06 36.54 -22.38
N ALA A 146 20.00 36.81 -23.16
CA ALA A 146 18.87 35.90 -23.28
C ALA A 146 19.24 34.57 -23.92
N ARG A 147 20.45 34.44 -24.48
CA ARG A 147 20.86 33.20 -25.14
C ARG A 147 20.89 32.04 -24.15
N VAL A 148 21.82 32.08 -23.20
CA VAL A 148 21.99 30.98 -22.24
C VAL A 148 22.11 31.55 -20.83
N TRP A 149 22.92 32.59 -20.66
CA TRP A 149 23.27 33.10 -19.34
C TRP A 149 22.29 34.17 -18.83
N ASP A 150 21.09 34.26 -19.40
CA ASP A 150 20.08 35.15 -18.85
C ASP A 150 19.68 34.69 -17.45
N TYR A 151 19.30 33.41 -17.32
CA TYR A 151 18.94 32.87 -16.02
C TYR A 151 20.14 32.66 -15.11
N ALA A 152 21.37 32.81 -15.63
CA ALA A 152 22.55 32.52 -14.82
C ALA A 152 22.73 33.52 -13.68
N LEU A 153 22.54 34.82 -13.97
CA LEU A 153 22.74 35.82 -12.93
C LEU A 153 21.69 35.75 -11.82
N PRO A 154 20.38 35.75 -12.11
CA PRO A 154 19.41 35.65 -11.00
C PRO A 154 19.47 34.32 -10.27
N ALA A 155 19.84 33.23 -10.95
CA ALA A 155 19.99 31.96 -10.26
C ALA A 155 21.19 31.97 -9.32
N LEU A 156 22.25 32.68 -9.68
CA LEU A 156 23.42 32.78 -8.80
C LEU A 156 23.11 33.59 -7.55
N LEU A 157 22.10 34.47 -7.59
CA LEU A 157 21.70 35.25 -6.43
C LEU A 157 20.54 34.63 -5.67
N THR A 158 19.77 33.74 -6.29
CA THR A 158 18.59 33.16 -5.66
C THR A 158 18.90 31.88 -4.89
N LEU A 159 19.72 31.00 -5.47
CA LEU A 159 20.01 29.73 -4.81
C LEU A 159 20.69 29.89 -3.44
N PRO A 160 21.62 30.83 -3.22
CA PRO A 160 22.14 31.01 -1.86
C PRO A 160 21.07 31.39 -0.85
N VAL A 161 20.00 32.06 -1.26
CA VAL A 161 18.92 32.40 -0.35
C VAL A 161 18.05 31.18 -0.06
N VAL A 162 17.53 30.54 -1.12
CA VAL A 162 16.69 29.37 -0.95
C VAL A 162 17.48 28.23 -0.32
N GLY A 163 18.77 28.12 -0.66
CA GLY A 163 19.59 27.07 -0.09
C GLY A 163 19.71 27.16 1.43
N LEU A 164 19.83 28.39 1.95
CA LEU A 164 19.86 28.59 3.39
C LEU A 164 18.47 28.57 4.01
N LEU A 165 17.42 28.55 3.20
CA LEU A 165 16.05 28.42 3.71
C LEU A 165 15.60 26.96 3.75
N LEU A 166 16.02 26.15 2.78
CA LEU A 166 15.68 24.73 2.78
C LEU A 166 16.42 23.97 3.87
N LEU A 167 17.48 24.55 4.43
CA LEU A 167 18.19 23.96 5.55
C LEU A 167 17.65 24.38 6.90
N GLN A 168 16.48 25.02 6.92
CA GLN A 168 15.84 25.39 8.18
C GLN A 168 14.99 24.24 8.72
N PRO A 169 14.09 23.63 7.92
CA PRO A 169 13.64 23.90 6.55
C PRO A 169 12.43 24.83 6.48
N ASP A 170 12.28 25.53 5.36
CA ASP A 170 11.15 26.45 5.16
C ASP A 170 10.73 26.35 3.70
N LEU A 171 9.75 25.49 3.43
CA LEU A 171 9.27 25.33 2.06
C LEU A 171 8.36 26.48 1.64
N GLY A 172 7.52 26.97 2.55
CA GLY A 172 6.62 28.06 2.22
C GLY A 172 7.37 29.34 1.91
N GLY A 173 8.35 29.68 2.75
CA GLY A 173 9.14 30.88 2.50
C GLY A 173 10.01 30.78 1.26
N ALA A 174 10.40 29.56 0.88
CA ALA A 174 11.19 29.39 -0.33
C ALA A 174 10.34 29.58 -1.58
N LEU A 175 9.07 29.17 -1.54
CA LEU A 175 8.19 29.35 -2.68
C LEU A 175 7.88 30.83 -2.91
N VAL A 176 7.83 31.62 -1.84
CA VAL A 176 7.63 33.06 -2.00
C VAL A 176 8.86 33.69 -2.65
N VAL A 177 10.05 33.20 -2.30
CA VAL A 177 11.27 33.73 -2.89
C VAL A 177 11.36 33.36 -4.37
N LEU A 178 11.08 32.09 -4.70
CA LEU A 178 11.15 31.66 -6.08
C LEU A 178 10.10 32.35 -6.94
N PHE A 179 8.90 32.55 -6.38
CA PHE A 179 7.85 33.25 -7.14
C PHE A 179 8.22 34.70 -7.37
N GLY A 180 8.81 35.36 -6.37
CA GLY A 180 9.26 36.73 -6.55
C GLY A 180 10.37 36.85 -7.58
N VAL A 181 11.34 35.94 -7.52
CA VAL A 181 12.41 35.93 -8.52
C VAL A 181 11.83 35.64 -9.91
N PHE A 182 10.85 34.74 -9.98
CA PHE A 182 10.17 34.48 -11.24
C PHE A 182 9.52 35.74 -11.78
N VAL A 183 8.89 36.52 -10.90
CA VAL A 183 8.23 37.75 -11.33
C VAL A 183 9.24 38.75 -11.87
N VAL A 184 10.38 38.87 -11.20
CA VAL A 184 11.41 39.81 -11.66
C VAL A 184 11.91 39.41 -13.04
N VAL A 185 12.18 38.12 -13.25
CA VAL A 185 12.61 37.65 -14.56
C VAL A 185 11.47 37.76 -15.58
N PHE A 186 10.23 37.55 -15.14
CA PHE A 186 9.09 37.65 -16.05
C PHE A 186 8.83 39.06 -16.54
N VAL A 187 9.40 40.07 -15.89
CA VAL A 187 9.22 41.45 -16.33
C VAL A 187 10.35 41.90 -17.25
N ARG A 188 11.60 41.53 -16.93
CA ARG A 188 12.75 41.94 -17.73
C ARG A 188 13.09 40.89 -18.79
N GLY A 189 13.34 39.65 -18.37
CA GLY A 189 13.78 38.61 -19.28
C GLY A 189 12.76 38.22 -20.32
N LEU A 190 11.64 37.64 -19.87
CA LEU A 190 10.60 37.12 -20.75
C LEU A 190 11.14 36.15 -21.80
N PRO A 191 11.72 35.01 -21.40
CA PRO A 191 12.09 33.97 -22.36
C PRO A 191 10.97 32.95 -22.56
N TRP A 192 9.80 33.44 -22.97
CA TRP A 192 8.56 32.67 -22.93
C TRP A 192 8.72 31.31 -23.61
N ARG A 193 9.35 31.28 -24.79
CA ARG A 193 9.52 30.03 -25.51
C ARG A 193 10.53 29.12 -24.81
N HIS A 194 11.56 29.71 -24.21
CA HIS A 194 12.60 28.93 -23.54
C HIS A 194 12.31 28.72 -22.06
N LEU A 195 11.43 29.53 -21.47
CA LEU A 195 11.14 29.41 -20.03
C LEU A 195 10.13 28.30 -19.76
N LEU A 196 9.06 28.22 -20.56
CA LEU A 196 8.05 27.19 -20.34
C LEU A 196 8.61 25.79 -20.59
N VAL A 197 9.36 25.63 -21.68
CA VAL A 197 9.98 24.33 -21.97
C VAL A 197 10.99 23.98 -20.89
N GLY A 198 11.64 24.98 -20.30
CA GLY A 198 12.56 24.72 -19.21
C GLY A 198 11.85 24.25 -17.95
N LEU A 199 10.69 24.84 -17.65
CA LEU A 199 9.95 24.44 -16.47
C LEU A 199 9.36 23.04 -16.63
N PHE A 200 8.81 22.74 -17.80
CA PHE A 200 8.24 21.41 -18.04
C PHE A 200 9.29 20.32 -17.89
N ALA A 201 10.53 20.60 -18.29
CA ALA A 201 11.59 19.62 -18.13
C ALA A 201 12.03 19.51 -16.67
N LEU A 202 12.17 20.64 -15.99
CA LEU A 202 12.57 20.62 -14.58
C LEU A 202 11.48 20.03 -13.69
N ALA A 203 10.21 20.20 -14.07
CA ALA A 203 9.11 19.65 -13.29
C ALA A 203 8.91 18.16 -13.51
N LEU A 204 9.66 17.55 -14.42
CA LEU A 204 9.59 16.11 -14.66
C LEU A 204 10.85 15.36 -14.28
N LEU A 205 12.01 16.02 -14.24
CA LEU A 205 13.25 15.35 -13.91
C LEU A 205 13.49 15.32 -12.40
N VAL A 206 13.10 16.37 -11.68
CA VAL A 206 13.31 16.43 -10.24
C VAL A 206 12.37 15.46 -9.53
N PRO A 207 11.08 15.40 -9.84
CA PRO A 207 10.23 14.36 -9.23
C PRO A 207 10.66 12.95 -9.62
N THR A 208 11.21 12.76 -10.81
CA THR A 208 11.71 11.44 -11.21
C THR A 208 12.96 11.05 -10.42
N ALA A 209 13.61 12.01 -9.77
CA ALA A 209 14.78 11.72 -8.95
C ALA A 209 14.49 11.70 -7.46
N VAL A 210 13.51 12.48 -6.99
CA VAL A 210 13.21 12.53 -5.58
C VAL A 210 12.29 11.38 -5.18
N TRP A 211 11.32 11.04 -6.03
CA TRP A 211 10.37 9.98 -5.70
C TRP A 211 11.04 8.63 -5.46
N PRO A 212 12.00 8.17 -6.28
CA PRO A 212 12.64 6.88 -5.95
C PRO A 212 13.45 6.94 -4.67
N ASN A 213 14.11 8.06 -4.39
CA ASN A 213 14.91 8.22 -3.18
C ASN A 213 14.09 8.68 -1.98
N LEU A 214 12.79 8.86 -2.15
CA LEU A 214 11.94 9.26 -1.03
C LEU A 214 11.58 8.05 -0.18
N LYS A 215 11.61 8.22 1.13
CA LYS A 215 11.26 7.17 2.07
C LYS A 215 9.76 6.97 2.13
N PRO A 216 9.30 5.79 2.56
CA PRO A 216 7.85 5.60 2.74
C PRO A 216 7.24 6.57 3.72
N TYR A 217 7.99 6.99 4.74
CA TYR A 217 7.53 8.05 5.62
C TYR A 217 7.40 9.38 4.87
N GLN A 218 8.27 9.61 3.89
CA GLN A 218 8.24 10.83 3.09
C GLN A 218 7.31 10.71 1.89
N ARG A 219 7.26 9.53 1.27
CA ARG A 219 6.37 9.33 0.12
C ARG A 219 4.91 9.55 0.51
N GLU A 220 4.47 8.90 1.60
CA GLU A 220 3.11 9.09 2.07
C GLU A 220 2.86 10.51 2.55
N ARG A 221 3.87 11.14 3.15
CA ARG A 221 3.73 12.53 3.59
C ARG A 221 3.44 13.45 2.41
N VAL A 222 4.17 13.27 1.29
CA VAL A 222 3.93 14.09 0.11
C VAL A 222 2.57 13.78 -0.50
N LEU A 223 2.22 12.49 -0.57
CA LEU A 223 0.92 12.11 -1.14
C LEU A 223 -0.23 12.66 -0.31
N ILE A 224 -0.04 12.78 1.02
CA ILE A 224 -1.06 13.37 1.87
C ILE A 224 -1.21 14.86 1.58
N VAL A 225 -0.11 15.53 1.22
CA VAL A 225 -0.18 16.95 0.89
C VAL A 225 -1.07 17.19 -0.33
N LEU A 226 -0.95 16.33 -1.34
CA LEU A 226 -1.79 16.42 -2.52
C LEU A 226 -3.25 16.12 -2.16
N ASP A 227 -3.55 14.85 -1.89
CA ASP A 227 -4.89 14.47 -1.44
C ASP A 227 -4.95 14.61 0.07
N PRO A 228 -5.62 15.63 0.60
CA PRO A 228 -5.59 15.87 2.05
C PRO A 228 -6.47 14.94 2.86
N TYR A 229 -7.13 13.96 2.23
CA TYR A 229 -8.04 13.07 2.94
C TYR A 229 -7.25 12.00 3.69
N ARG A 230 -6.64 12.45 4.79
CA ARG A 230 -6.00 11.57 5.76
C ARG A 230 -6.14 12.24 7.11
N ASP A 231 -6.98 11.67 7.97
CA ASP A 231 -7.40 12.38 9.18
C ASP A 231 -6.28 12.61 10.19
N PRO A 232 -5.43 11.61 10.56
CA PRO A 232 -4.50 11.83 11.68
C PRO A 232 -3.60 13.05 11.55
N LEU A 233 -3.47 13.62 10.36
CA LEU A 233 -2.70 14.84 10.16
C LEU A 233 -3.50 15.96 9.49
N GLY A 234 -4.38 15.62 8.56
CA GLY A 234 -5.12 16.64 7.84
C GLY A 234 -6.56 16.79 8.26
N GLN A 235 -6.89 16.34 9.49
CA GLN A 235 -8.27 16.46 9.96
C GLN A 235 -8.67 17.93 10.13
N GLY A 236 -7.85 18.71 10.83
CA GLY A 236 -8.15 20.12 10.96
C GLY A 236 -8.17 20.84 9.63
N PHE A 237 -7.20 20.52 8.77
CA PHE A 237 -7.17 21.13 7.44
C PHE A 237 -8.38 20.71 6.61
N GLN A 238 -8.90 19.50 6.85
CA GLN A 238 -10.18 19.11 6.25
C GLN A 238 -11.35 19.76 6.96
N VAL A 239 -11.24 19.92 8.28
CA VAL A 239 -12.28 20.62 9.04
C VAL A 239 -12.39 22.07 8.58
N ILE A 240 -11.27 22.67 8.16
CA ILE A 240 -11.30 24.04 7.65
C ILE A 240 -12.25 24.16 6.47
N GLN A 241 -12.23 23.16 5.57
CA GLN A 241 -13.14 23.18 4.43
C GLN A 241 -14.60 23.16 4.88
N SER A 242 -14.89 22.40 5.94
CA SER A 242 -16.25 22.39 6.48
C SER A 242 -16.52 23.58 7.39
N THR A 243 -15.48 24.14 8.01
CA THR A 243 -15.66 25.29 8.87
C THR A 243 -16.03 26.53 8.06
N ILE A 244 -15.40 26.71 6.90
CA ILE A 244 -15.68 27.89 6.08
C ILE A 244 -17.11 27.86 5.57
N ALA A 245 -17.61 26.68 5.20
CA ALA A 245 -18.95 26.54 4.66
C ALA A 245 -20.04 26.49 5.72
N ILE A 246 -19.75 26.92 6.95
CA ILE A 246 -20.77 26.93 8.00
C ILE A 246 -21.83 27.98 7.68
N GLY A 247 -21.43 29.24 7.59
CA GLY A 247 -22.36 30.33 7.36
C GLY A 247 -22.31 30.82 5.92
N SER A 248 -23.47 31.14 5.38
CA SER A 248 -23.60 31.66 4.03
C SER A 248 -24.54 32.85 4.04
N GLY A 249 -24.16 33.91 3.31
CA GLY A 249 -24.96 35.12 3.30
C GLY A 249 -25.03 35.81 4.64
N GLY A 250 -24.04 35.62 5.49
CA GLY A 250 -24.03 36.22 6.82
C GLY A 250 -23.37 35.34 7.87
N ILE A 267 -12.50 22.11 16.14
CA ILE A 267 -11.60 23.22 16.42
C ILE A 267 -10.56 23.35 15.32
N PRO A 268 -10.42 24.55 14.75
CA PRO A 268 -9.37 24.77 13.75
C PRO A 268 -7.99 24.66 14.37
N PHE A 269 -7.02 24.32 13.53
CA PHE A 269 -5.66 24.08 13.99
C PHE A 269 -5.06 25.30 14.67
N ARG A 270 -4.84 26.37 13.91
CA ARG A 270 -4.21 27.57 14.43
C ARG A 270 -4.93 28.81 13.93
N HIS A 271 -4.85 29.87 14.73
CA HIS A 271 -5.40 31.15 14.29
C HIS A 271 -4.50 31.80 13.24
N THR A 272 -3.18 31.74 13.45
CA THR A 272 -2.24 32.40 12.55
C THR A 272 -2.37 31.87 11.13
N ALA A 273 -2.15 30.57 10.95
CA ALA A 273 -2.18 29.97 9.61
C ALA A 273 -3.60 29.81 9.07
N PHE A 274 -4.62 30.18 9.81
CA PHE A 274 -6.00 30.01 9.37
C PHE A 274 -6.88 31.16 9.88
N VAL A 275 -6.43 32.40 9.64
CA VAL A 275 -7.28 33.55 9.97
C VAL A 275 -8.51 33.56 9.08
N PHE A 276 -8.35 33.16 7.82
CA PHE A 276 -9.45 33.24 6.86
C PHE A 276 -10.60 32.32 7.25
N SER A 277 -10.29 31.11 7.73
CA SER A 277 -11.33 30.15 8.08
C SER A 277 -12.19 30.67 9.23
N VAL A 278 -11.56 31.26 10.24
CA VAL A 278 -12.33 31.86 11.33
C VAL A 278 -13.19 33.00 10.81
N TRP A 279 -12.60 33.85 9.96
CA TRP A 279 -13.33 35.02 9.47
C TRP A 279 -14.40 34.63 8.46
N ALA A 280 -14.13 33.65 7.61
CA ALA A 280 -15.11 33.23 6.62
C ALA A 280 -16.27 32.48 7.26
N GLU A 281 -16.02 31.78 8.36
CA GLU A 281 -17.09 31.01 9.00
C GLU A 281 -18.12 31.91 9.65
N GLU A 282 -17.69 33.02 10.26
CA GLU A 282 -18.60 33.86 11.01
C GLU A 282 -19.33 34.87 10.12
N TRP A 283 -18.73 35.25 9.00
CA TRP A 283 -19.24 36.34 8.18
C TRP A 283 -19.93 35.87 6.90
N GLY A 284 -20.09 34.56 6.72
CA GLY A 284 -20.84 34.12 5.55
C GLY A 284 -20.10 34.39 4.25
N PHE A 285 -20.85 34.27 3.15
CA PHE A 285 -20.28 34.43 1.82
C PHE A 285 -20.28 35.88 1.34
N VAL A 286 -21.31 36.65 1.71
CA VAL A 286 -21.34 38.06 1.32
C VAL A 286 -20.19 38.83 1.94
N GLY A 287 -19.55 38.26 2.95
CA GLY A 287 -18.36 38.86 3.53
C GLY A 287 -17.10 38.45 2.79
N VAL A 288 -16.99 37.17 2.45
CA VAL A 288 -15.78 36.65 1.82
C VAL A 288 -15.41 37.46 0.59
N VAL A 289 -16.41 37.84 -0.21
CA VAL A 289 -16.14 38.69 -1.37
C VAL A 289 -15.63 40.06 -0.95
N GLY A 290 -15.94 40.50 0.26
CA GLY A 290 -15.41 41.78 0.73
C GLY A 290 -13.93 41.69 1.05
N LEU A 291 -13.49 40.57 1.62
CA LEU A 291 -12.07 40.38 1.89
C LEU A 291 -11.31 40.05 0.60
N LEU A 292 -11.91 39.26 -0.27
CA LEU A 292 -11.31 39.02 -1.58
C LEU A 292 -11.30 40.28 -2.42
N GLY A 293 -12.28 41.17 -2.21
CA GLY A 293 -12.30 42.43 -2.96
C GLY A 293 -11.18 43.36 -2.54
N LEU A 294 -10.99 43.52 -1.23
CA LEU A 294 -9.92 44.40 -0.75
C LEU A 294 -8.55 43.89 -1.16
N TYR A 295 -8.32 42.58 -1.05
CA TYR A 295 -7.07 42.01 -1.53
C TYR A 295 -6.96 42.11 -3.04
N GLY A 296 -8.09 41.98 -3.75
CA GLY A 296 -8.06 42.18 -5.20
C GLY A 296 -7.73 43.61 -5.57
N LEU A 297 -8.32 44.58 -4.86
CA LEU A 297 -7.99 45.97 -5.10
C LEU A 297 -6.59 46.31 -4.62
N LEU A 298 -6.08 45.57 -3.62
CA LEU A 298 -4.73 45.83 -3.12
C LEU A 298 -3.68 45.46 -4.16
N LEU A 299 -3.75 44.23 -4.68
CA LEU A 299 -2.81 43.80 -5.71
C LEU A 299 -2.98 44.59 -7.01
N ALA A 300 -4.14 45.21 -7.22
CA ALA A 300 -4.34 46.02 -8.41
C ALA A 300 -3.56 47.32 -8.33
N ARG A 301 -3.70 48.05 -7.21
CA ARG A 301 -2.98 49.31 -7.06
C ARG A 301 -1.48 49.10 -6.94
N LEU A 302 -1.05 47.99 -6.34
CA LEU A 302 0.37 47.67 -6.29
C LEU A 302 0.94 47.49 -7.69
N PHE A 303 0.20 46.79 -8.57
CA PHE A 303 0.60 46.70 -9.96
C PHE A 303 0.37 48.01 -10.71
N ALA A 304 -0.69 48.73 -10.34
CA ALA A 304 -0.96 50.03 -10.99
C ALA A 304 0.13 51.04 -10.64
N LEU A 305 0.53 51.11 -9.38
CA LEU A 305 1.64 51.98 -8.99
C LEU A 305 2.97 51.48 -9.53
N ALA A 306 3.08 50.17 -9.80
CA ALA A 306 4.28 49.65 -10.43
C ALA A 306 4.42 50.15 -11.86
N LEU A 307 3.31 50.39 -12.54
CA LEU A 307 3.36 50.90 -13.91
C LEU A 307 3.66 52.40 -13.96
N ALA A 308 3.25 53.15 -12.95
CA ALA A 308 3.47 54.59 -12.94
C ALA A 308 4.94 54.97 -12.85
N CYS A 309 5.79 54.03 -12.43
CA CYS A 309 7.22 54.29 -12.29
C CYS A 309 7.92 54.06 -13.63
N PRO A 310 8.65 55.03 -14.16
CA PRO A 310 9.25 54.85 -15.49
C PRO A 310 10.54 54.04 -15.47
N ARG A 311 11.27 54.08 -14.35
CA ARG A 311 12.54 53.38 -14.28
C ARG A 311 12.33 51.87 -14.22
N LEU A 312 13.32 51.13 -14.75
CA LEU A 312 13.19 49.67 -14.83
C LEU A 312 13.32 49.04 -13.46
N SER A 313 14.28 49.50 -12.65
CA SER A 313 14.45 48.93 -11.31
C SER A 313 13.22 49.15 -10.45
N ASP A 314 12.54 50.29 -10.62
CA ASP A 314 11.27 50.49 -9.95
C ASP A 314 10.18 49.58 -10.52
N ARG A 315 10.29 49.24 -11.81
CA ARG A 315 9.37 48.28 -12.40
C ARG A 315 9.59 46.88 -11.84
N LEU A 316 10.86 46.51 -11.61
CA LEU A 316 11.16 45.18 -11.09
C LEU A 316 10.89 45.06 -9.60
N PHE A 317 11.23 46.10 -8.83
CA PHE A 317 11.06 46.04 -7.39
C PHE A 317 9.59 45.95 -7.00
N LEU A 318 8.76 46.85 -7.55
CA LEU A 318 7.34 46.83 -7.19
C LEU A 318 6.63 45.62 -7.75
N SER A 319 7.14 45.03 -8.84
CA SER A 319 6.53 43.82 -9.38
C SER A 319 6.83 42.63 -8.49
N GLY A 320 8.08 42.48 -8.06
CA GLY A 320 8.44 41.37 -7.20
C GLY A 320 7.79 41.45 -5.84
N PHE A 321 7.64 42.67 -5.31
CA PHE A 321 6.96 42.83 -4.03
C PHE A 321 5.49 42.46 -4.13
N ALA A 322 4.78 43.01 -5.13
CA ALA A 322 3.39 42.66 -5.33
C ALA A 322 3.24 41.19 -5.70
N GLY A 323 4.27 40.60 -6.32
CA GLY A 323 4.23 39.18 -6.60
C GLY A 323 4.36 38.33 -5.35
N MET A 324 5.33 38.68 -4.49
CA MET A 324 5.51 37.94 -3.25
C MET A 324 4.32 38.11 -2.30
N LEU A 325 3.79 39.34 -2.21
CA LEU A 325 2.65 39.58 -1.35
C LEU A 325 1.41 38.85 -1.85
N GLY A 326 1.12 38.96 -3.14
CA GLY A 326 -0.04 38.28 -3.69
C GLY A 326 0.10 36.77 -3.71
N PHE A 327 1.34 36.27 -3.76
CA PHE A 327 1.54 34.83 -3.77
C PHE A 327 1.12 34.19 -2.47
N GLN A 328 1.44 34.81 -1.34
CA GLN A 328 0.99 34.28 -0.05
C GLN A 328 -0.52 34.26 0.04
N VAL A 329 -1.17 35.31 -0.47
CA VAL A 329 -2.63 35.42 -0.34
C VAL A 329 -3.32 34.30 -1.10
N VAL A 330 -2.97 34.12 -2.38
CA VAL A 330 -3.60 33.06 -3.17
C VAL A 330 -3.22 31.68 -2.66
N VAL A 331 -2.12 31.56 -1.92
CA VAL A 331 -1.73 30.28 -1.33
C VAL A 331 -2.38 30.07 0.03
N ASN A 332 -2.36 31.09 0.89
CA ASN A 332 -2.99 30.96 2.20
C ASN A 332 -4.50 30.74 2.06
N LEU A 333 -5.17 31.58 1.28
CA LEU A 333 -6.60 31.41 1.06
C LEU A 333 -6.90 30.12 0.32
N GLY A 334 -5.95 29.63 -0.49
CA GLY A 334 -6.15 28.37 -1.18
C GLY A 334 -6.05 27.18 -0.26
N VAL A 335 -5.22 27.25 0.77
CA VAL A 335 -5.14 26.19 1.76
C VAL A 335 -6.45 26.09 2.53
N ALA A 336 -6.98 27.24 2.97
CA ALA A 336 -8.22 27.24 3.73
C ALA A 336 -9.38 26.72 2.89
N LEU A 337 -9.48 27.17 1.64
CA LEU A 337 -10.56 26.71 0.77
C LEU A 337 -10.35 25.30 0.26
N GLY A 338 -9.22 24.66 0.58
CA GLY A 338 -8.98 23.29 0.16
C GLY A 338 -8.67 23.16 -1.31
N VAL A 339 -7.78 24.02 -1.81
CA VAL A 339 -7.35 23.97 -3.20
C VAL A 339 -5.83 23.91 -3.25
N MET A 340 -5.18 24.84 -2.56
CA MET A 340 -3.72 24.85 -2.55
C MET A 340 -3.19 23.96 -1.43
N PRO A 341 -2.10 23.23 -1.69
CA PRO A 341 -1.52 22.40 -0.64
C PRO A 341 -0.97 23.24 0.51
N VAL A 342 -0.98 22.64 1.70
CA VAL A 342 -0.57 23.35 2.90
C VAL A 342 0.92 23.67 2.84
N THR A 343 1.25 24.95 3.08
CA THR A 343 2.63 25.39 3.07
C THR A 343 3.06 26.08 4.35
N GLY A 344 2.13 26.44 5.23
CA GLY A 344 2.47 27.07 6.49
C GLY A 344 2.80 28.54 6.36
N LEU A 345 1.89 29.31 5.75
CA LEU A 345 2.04 30.74 5.59
C LEU A 345 0.78 31.45 6.08
N THR A 346 0.96 32.64 6.61
CA THR A 346 -0.13 33.43 7.18
C THR A 346 -0.66 34.43 6.17
N LEU A 347 -1.75 35.11 6.56
CA LEU A 347 -2.32 36.17 5.75
C LEU A 347 -1.65 37.49 6.11
N PRO A 348 -0.93 38.13 5.19
CA PRO A 348 -0.34 39.43 5.50
C PRO A 348 -1.41 40.48 5.76
N LEU A 349 -1.15 41.35 6.73
CA LEU A 349 -2.03 42.45 7.10
C LEU A 349 -3.38 41.97 7.63
N PHE A 350 -3.48 40.71 8.06
CA PHE A 350 -4.76 40.17 8.50
C PHE A 350 -4.57 39.09 9.55
N SER A 351 -3.34 38.60 9.71
CA SER A 351 -3.02 37.54 10.64
C SER A 351 -2.40 38.10 11.91
N TYR A 352 -2.05 37.20 12.83
CA TYR A 352 -1.31 37.55 14.03
C TYR A 352 0.17 37.37 13.74
N GLY A 353 0.92 38.48 13.76
CA GLY A 353 2.34 38.42 13.51
C GLY A 353 3.12 39.35 14.43
N GLY A 354 4.05 38.78 15.20
CA GLY A 354 4.88 39.61 16.06
C GLY A 354 5.71 40.60 15.27
N SER A 355 6.29 40.16 14.16
CA SER A 355 7.02 41.03 13.25
C SER A 355 6.51 40.99 11.82
N SER A 356 5.72 39.98 11.45
CA SER A 356 5.24 39.88 10.07
C SER A 356 4.36 41.06 9.69
N LEU A 357 3.68 41.67 10.66
CA LEU A 357 2.94 42.90 10.38
C LEU A 357 3.89 44.07 10.15
N ILE A 358 4.91 44.20 11.00
CA ILE A 358 5.86 45.30 10.85
C ILE A 358 6.63 45.16 9.53
N ALA A 359 7.07 43.94 9.22
CA ALA A 359 7.83 43.74 7.98
C ALA A 359 6.97 43.98 6.75
N THR A 360 5.69 43.62 6.82
CA THR A 360 4.80 43.88 5.70
C THR A 360 4.52 45.38 5.56
N LEU A 361 4.35 46.08 6.68
CA LEU A 361 4.18 47.52 6.62
C LEU A 361 5.44 48.22 6.16
N ALA A 362 6.61 47.76 6.64
CA ALA A 362 7.88 48.32 6.19
C ALA A 362 8.09 48.08 4.71
N GLY A 363 7.59 46.97 4.18
CA GLY A 363 7.66 46.75 2.74
C GLY A 363 6.76 47.70 1.97
N LEU A 364 5.57 47.99 2.52
CA LEU A 364 4.69 48.98 1.89
C LEU A 364 5.27 50.38 1.98
N GLY A 365 6.03 50.67 3.04
CA GLY A 365 6.71 51.96 3.11
C GLY A 365 7.72 52.14 2.01
N LEU A 366 8.45 51.07 1.66
CA LEU A 366 9.36 51.14 0.52
C LEU A 366 8.61 51.25 -0.79
N VAL A 367 7.40 50.70 -0.86
CA VAL A 367 6.57 50.88 -2.05
C VAL A 367 6.17 52.34 -2.20
N LEU A 368 5.65 52.94 -1.13
CA LEU A 368 5.32 54.37 -1.16
C LEU A 368 6.56 55.24 -1.31
N LEU A 369 7.74 54.71 -0.97
CA LEU A 369 8.96 55.48 -1.13
C LEU A 369 9.34 55.62 -2.60
N VAL A 370 9.41 54.50 -3.32
CA VAL A 370 9.82 54.53 -4.72
C VAL A 370 8.76 55.14 -5.62
N HIS A 371 7.54 55.32 -5.13
CA HIS A 371 6.49 55.92 -5.96
C HIS A 371 6.55 57.45 -5.94
N ARG A 372 6.79 58.05 -4.78
CA ARG A 372 6.99 59.49 -4.74
C ARG A 372 8.36 59.89 -5.30
N ASP A 373 9.28 58.94 -5.45
CA ASP A 373 10.59 59.18 -6.04
C ASP A 373 10.70 58.59 -7.44
N ARG A 374 9.57 58.28 -8.09
CA ARG A 374 9.60 57.70 -9.42
C ARG A 374 10.11 58.66 -10.47
N TYR A 375 10.00 59.97 -10.23
CA TYR A 375 10.43 60.96 -11.20
C TYR A 375 11.86 61.43 -10.92
N GLN A 376 12.11 61.94 -9.71
CA GLN A 376 13.42 62.49 -9.39
C GLN A 376 14.48 61.41 -9.40
N ASP A 377 15.72 61.83 -9.63
CA ASP A 377 16.85 60.92 -9.69
C ASP A 377 17.62 60.92 -8.38
N GLY B 2 7.48 46.35 -22.35
CA GLY B 2 7.99 46.39 -21.00
C GLY B 2 6.92 46.57 -19.94
N THR B 3 5.66 46.65 -20.39
CA THR B 3 4.52 46.84 -19.51
C THR B 3 3.49 45.73 -19.60
N GLY B 4 3.41 45.02 -20.73
CA GLY B 4 2.36 44.03 -20.91
C GLY B 4 2.45 42.86 -19.96
N ARG B 5 3.67 42.49 -19.56
CA ARG B 5 3.83 41.37 -18.63
C ARG B 5 3.23 41.70 -17.26
N ILE B 6 3.20 42.98 -16.88
CA ILE B 6 2.59 43.36 -15.63
C ILE B 6 1.07 43.30 -15.73
N HIS B 7 0.52 43.67 -16.89
CA HIS B 7 -0.92 43.50 -17.10
C HIS B 7 -1.35 42.05 -16.98
N ALA B 8 -0.47 41.12 -17.38
CA ALA B 8 -0.81 39.71 -17.27
C ALA B 8 -0.81 39.25 -15.83
N LEU B 9 0.14 39.72 -15.02
CA LEU B 9 0.15 39.36 -13.60
C LEU B 9 -1.05 39.95 -12.88
N ALA B 10 -1.43 41.18 -13.23
CA ALA B 10 -2.65 41.76 -12.66
C ALA B 10 -3.88 40.93 -13.04
N LEU B 11 -3.92 40.46 -14.28
CA LEU B 11 -5.02 39.60 -14.71
C LEU B 11 -4.93 38.23 -14.05
N PHE B 12 -3.71 37.74 -13.80
CA PHE B 12 -3.54 36.42 -13.19
C PHE B 12 -4.12 36.39 -11.78
N PHE B 13 -3.64 37.28 -10.90
CA PHE B 13 -4.13 37.30 -9.54
C PHE B 13 -5.61 37.69 -9.48
N ALA B 14 -6.10 38.43 -10.47
CA ALA B 14 -7.52 38.73 -10.54
C ALA B 14 -8.33 37.46 -10.79
N LEU B 15 -7.90 36.65 -11.76
CA LEU B 15 -8.56 35.37 -12.00
C LEU B 15 -8.25 34.35 -10.92
N ALA B 16 -7.13 34.51 -10.21
CA ALA B 16 -6.82 33.62 -9.09
C ALA B 16 -7.78 33.85 -7.93
N LEU B 17 -7.96 35.12 -7.52
CA LEU B 17 -8.93 35.43 -6.49
C LEU B 17 -10.37 35.19 -6.95
N PHE B 18 -10.61 35.19 -8.26
CA PHE B 18 -11.93 34.82 -8.76
C PHE B 18 -12.19 33.32 -8.59
N LEU B 19 -11.17 32.50 -8.85
CA LEU B 19 -11.32 31.06 -8.65
C LEU B 19 -11.52 30.73 -7.17
N LEU B 20 -10.77 31.40 -6.28
CA LEU B 20 -10.98 31.23 -4.85
C LEU B 20 -12.39 31.67 -4.46
N GLY B 21 -12.84 32.81 -4.99
CA GLY B 21 -14.21 33.23 -4.75
C GLY B 21 -15.22 32.27 -5.31
N LEU B 22 -14.92 31.67 -6.47
CA LEU B 22 -15.79 30.64 -7.02
C LEU B 22 -15.72 29.36 -6.19
N ARG B 23 -14.54 29.05 -5.63
CA ARG B 23 -14.43 27.89 -4.76
C ARG B 23 -15.19 28.09 -3.45
N ALA B 24 -15.08 29.29 -2.86
CA ALA B 24 -15.85 29.58 -1.66
C ALA B 24 -17.35 29.53 -1.95
N TRP B 25 -17.78 30.17 -3.04
CA TRP B 25 -19.18 30.14 -3.42
C TRP B 25 -19.69 28.72 -3.59
N GLN B 26 -18.83 27.81 -4.03
CA GLN B 26 -19.22 26.40 -4.10
C GLN B 26 -19.58 25.87 -2.71
N LEU B 27 -18.68 26.04 -1.75
CA LEU B 27 -18.94 25.55 -0.39
C LEU B 27 -20.06 26.35 0.28
N GLN B 28 -20.12 27.66 0.02
CA GLN B 28 -21.07 28.49 0.75
C GLN B 28 -22.49 28.31 0.24
N VAL B 29 -22.67 28.29 -1.08
CA VAL B 29 -24.00 28.27 -1.69
C VAL B 29 -24.40 26.87 -2.13
N LEU B 30 -23.55 26.21 -2.93
CA LEU B 30 -23.90 24.88 -3.44
C LEU B 30 -23.87 23.81 -2.36
N GLU B 31 -23.21 24.06 -1.24
CA GLU B 31 -23.01 23.03 -0.22
C GLU B 31 -23.56 23.45 1.14
N TYR B 32 -24.38 24.50 1.22
CA TYR B 32 -24.92 24.89 2.51
C TYR B 32 -25.87 23.83 3.06
N GLU B 33 -26.56 23.09 2.18
CA GLU B 33 -27.34 21.95 2.62
C GLU B 33 -26.48 20.82 3.18
N ARG B 34 -25.17 20.90 2.99
CA ARG B 34 -24.23 19.89 3.49
C ARG B 34 -23.66 20.26 4.86
N TYR B 35 -23.92 21.46 5.37
CA TYR B 35 -23.39 21.89 6.66
C TYR B 35 -24.44 22.67 7.44
N ALA B 36 -25.70 22.27 7.33
CA ALA B 36 -26.75 22.90 8.11
C ALA B 36 -26.57 22.60 9.60
N LEU B 37 -26.99 23.56 10.43
CA LEU B 37 -26.78 23.46 11.88
C LEU B 37 -28.09 23.58 12.66
N ARG B 38 -29.24 23.42 12.01
CA ARG B 38 -30.54 23.38 12.68
C ARG B 38 -30.83 24.65 13.48
N SER B 39 -30.28 25.78 13.02
CA SER B 39 -30.53 27.10 13.63
C SER B 39 -30.19 27.09 15.12
N GLN B 40 -29.10 26.43 15.47
CA GLN B 40 -28.67 26.34 16.87
C GLN B 40 -27.15 26.33 16.92
N GLY B 41 -26.61 26.55 18.13
CA GLY B 41 -25.18 26.52 18.33
C GLY B 41 -24.61 25.13 18.42
N ASN B 42 -24.82 24.33 17.38
CA ASN B 42 -24.38 22.94 17.34
C ASN B 42 -23.03 22.85 16.66
N TYR B 43 -22.10 22.13 17.27
CA TYR B 43 -20.78 21.95 16.68
C TYR B 43 -20.78 20.77 15.71
N LEU B 44 -19.66 20.59 15.00
CA LEU B 44 -19.55 19.60 13.95
C LEU B 44 -18.34 18.72 14.23
N LYS B 45 -18.56 17.41 14.30
CA LYS B 45 -17.51 16.44 14.55
C LYS B 45 -17.31 15.57 13.30
N THR B 46 -16.06 15.33 12.96
CA THR B 46 -15.70 14.55 11.78
C THR B 46 -15.12 13.21 12.23
N GLU B 47 -15.65 12.13 11.66
CA GLU B 47 -15.18 10.78 11.96
C GLU B 47 -14.99 10.01 10.66
N ASP B 48 -13.97 9.17 10.63
CA ASP B 48 -13.69 8.39 9.42
C ASP B 48 -14.54 7.12 9.42
N ILE B 49 -14.89 6.68 8.21
CA ILE B 49 -15.72 5.50 8.02
C ILE B 49 -14.82 4.28 7.84
N PRO B 50 -15.05 3.18 8.55
CA PRO B 50 -14.23 1.98 8.36
C PRO B 50 -14.40 1.41 6.95
N ALA B 51 -13.36 0.71 6.49
CA ALA B 51 -13.33 0.19 5.13
C ALA B 51 -13.75 -1.27 5.12
N PRO B 52 -14.86 -1.62 4.47
CA PRO B 52 -15.24 -3.04 4.36
C PRO B 52 -14.26 -3.81 3.50
N ARG B 53 -13.49 -4.71 4.12
CA ARG B 53 -12.53 -5.50 3.37
C ARG B 53 -13.25 -6.46 2.42
N GLY B 54 -12.57 -6.78 1.32
CA GLY B 54 -13.18 -7.61 0.29
C GLY B 54 -13.46 -9.03 0.77
N LYS B 55 -14.43 -9.65 0.11
CA LYS B 55 -14.84 -11.01 0.41
C LYS B 55 -14.09 -11.98 -0.50
N ILE B 56 -13.41 -12.95 0.11
CA ILE B 56 -12.70 -13.99 -0.63
C ILE B 56 -13.63 -15.19 -0.75
N LEU B 57 -14.04 -15.51 -1.98
CA LEU B 57 -14.88 -16.67 -2.23
C LEU B 57 -14.29 -17.47 -3.38
N ASP B 58 -14.51 -18.77 -3.34
CA ASP B 58 -14.03 -19.67 -4.39
C ASP B 58 -15.00 -19.65 -5.56
N ARG B 59 -14.78 -20.51 -6.55
CA ARG B 59 -15.76 -20.69 -7.59
C ARG B 59 -17.02 -21.33 -7.03
N LYS B 60 -18.12 -21.21 -7.77
CA LYS B 60 -19.46 -21.64 -7.41
C LYS B 60 -20.11 -20.77 -6.34
N GLY B 61 -19.38 -19.81 -5.76
CA GLY B 61 -19.96 -18.79 -4.93
C GLY B 61 -19.86 -19.00 -3.43
N ARG B 62 -19.18 -20.05 -2.97
CA ARG B 62 -19.06 -20.33 -1.55
C ARG B 62 -18.07 -19.36 -0.93
N VAL B 63 -18.52 -18.60 0.07
CA VAL B 63 -17.67 -17.62 0.72
C VAL B 63 -16.62 -18.33 1.56
N LEU B 64 -15.37 -17.88 1.45
CA LEU B 64 -14.27 -18.40 2.25
C LEU B 64 -13.73 -17.38 3.25
N ALA B 65 -13.88 -16.08 2.97
CA ALA B 65 -13.49 -15.03 3.88
C ALA B 65 -14.46 -13.87 3.74
N GLN B 66 -14.74 -13.21 4.85
CA GLN B 66 -15.69 -12.11 4.91
C GLN B 66 -15.46 -11.37 6.21
N ASP B 67 -16.39 -10.47 6.55
CA ASP B 67 -16.30 -9.73 7.81
C ASP B 67 -17.66 -9.09 8.08
N ARG B 68 -18.23 -9.38 9.25
CA ARG B 68 -19.51 -8.81 9.64
C ARG B 68 -19.38 -8.12 11.00
N LEU B 69 -20.51 -7.70 11.56
CA LEU B 69 -20.50 -7.04 12.86
C LEU B 69 -20.30 -8.07 13.97
N VAL B 70 -19.79 -7.57 15.10
CA VAL B 70 -19.62 -8.36 16.32
C VAL B 70 -20.38 -7.63 17.42
N VAL B 71 -21.55 -8.14 17.79
CA VAL B 71 -22.42 -7.48 18.75
C VAL B 71 -22.09 -7.99 20.15
N ASP B 72 -21.84 -7.06 21.07
CA ASP B 72 -21.53 -7.38 22.45
C ASP B 72 -22.41 -6.56 23.38
N LEU B 73 -22.62 -7.08 24.59
CA LEU B 73 -23.40 -6.42 25.62
C LEU B 73 -22.46 -5.90 26.71
N VAL B 74 -22.42 -4.58 26.86
CA VAL B 74 -21.62 -3.94 27.90
C VAL B 74 -22.55 -3.13 28.78
N TYR B 75 -22.28 -3.12 30.08
CA TYR B 75 -23.08 -2.35 31.01
C TYR B 75 -22.21 -1.89 32.17
N THR B 76 -22.46 -0.67 32.64
CA THR B 76 -21.75 -0.08 33.76
C THR B 76 -22.75 0.47 34.77
N GLY B 77 -22.38 0.40 36.04
CA GLY B 77 -23.24 0.89 37.10
C GLY B 77 -23.96 -0.22 37.84
N GLY B 78 -24.68 -1.06 37.10
CA GLY B 78 -25.37 -2.19 37.70
C GLY B 78 -26.82 -1.95 38.02
N GLU B 79 -27.53 -1.26 37.13
CA GLU B 79 -28.96 -1.03 37.31
C GLU B 79 -29.76 -2.14 36.68
N VAL B 80 -30.80 -2.59 37.38
CA VAL B 80 -31.52 -3.81 36.99
C VAL B 80 -32.28 -3.59 35.69
N ALA B 81 -33.05 -2.49 35.61
CA ALA B 81 -33.93 -2.19 34.47
C ALA B 81 -34.91 -3.35 34.35
N PHE B 82 -35.09 -3.94 33.16
CA PHE B 82 -36.01 -5.06 32.99
C PHE B 82 -35.23 -6.38 32.93
N LYS B 83 -34.49 -6.65 34.02
CA LYS B 83 -33.63 -7.83 34.07
C LYS B 83 -34.41 -9.10 34.38
N GLU B 84 -35.64 -9.00 34.89
CA GLU B 84 -36.45 -10.19 35.10
C GLU B 84 -36.64 -10.96 33.80
N ARG B 85 -36.63 -10.26 32.67
CA ARG B 85 -36.62 -10.91 31.37
C ARG B 85 -35.21 -11.18 30.85
N LEU B 86 -34.24 -10.36 31.27
CA LEU B 86 -32.88 -10.51 30.74
C LEU B 86 -32.18 -11.75 31.30
N LEU B 87 -32.38 -12.03 32.59
CA LEU B 87 -31.70 -13.17 33.21
C LEU B 87 -32.01 -14.49 32.52
N PRO B 88 -33.27 -14.83 32.20
CA PRO B 88 -33.49 -16.07 31.44
C PRO B 88 -33.01 -15.97 30.00
N LEU B 89 -33.14 -14.80 29.38
CA LEU B 89 -32.69 -14.65 27.99
C LEU B 89 -31.18 -14.82 27.88
N LEU B 90 -30.43 -14.19 28.78
CA LEU B 90 -28.97 -14.31 28.74
C LEU B 90 -28.49 -15.59 29.40
N GLY B 91 -29.26 -16.16 30.31
CA GLY B 91 -28.84 -17.36 31.01
C GLY B 91 -27.76 -17.15 32.04
N LEU B 92 -27.65 -15.95 32.60
CA LEU B 92 -26.64 -15.66 33.61
C LEU B 92 -27.19 -15.71 35.03
N GLU B 93 -28.50 -15.55 35.20
CA GLU B 93 -29.18 -15.69 36.48
C GLU B 93 -28.73 -14.66 37.52
N ASP B 94 -27.85 -13.75 37.13
CA ASP B 94 -27.36 -12.70 38.02
C ASP B 94 -26.57 -11.70 37.20
N LEU B 95 -26.40 -10.49 37.76
CA LEU B 95 -25.61 -9.44 37.14
C LEU B 95 -24.31 -9.28 37.90
N PRO B 96 -23.18 -9.75 37.38
CA PRO B 96 -21.90 -9.59 38.09
C PRO B 96 -21.50 -8.13 38.21
N GLN B 97 -21.55 -7.59 39.44
CA GLN B 97 -21.28 -6.18 39.67
C GLN B 97 -19.77 -5.95 39.66
N VAL B 98 -19.29 -5.33 38.58
CA VAL B 98 -17.89 -4.96 38.45
C VAL B 98 -17.81 -3.47 38.21
N THR B 99 -16.71 -2.85 38.65
CA THR B 99 -16.53 -1.41 38.49
C THR B 99 -16.23 -1.03 37.04
N GLU B 100 -15.32 -1.76 36.39
CA GLU B 100 -14.94 -1.44 35.03
C GLU B 100 -15.97 -1.99 34.03
N PRO B 101 -16.06 -1.39 32.85
CA PRO B 101 -17.00 -1.90 31.84
C PRO B 101 -16.63 -3.31 31.41
N THR B 102 -17.62 -4.22 31.48
CA THR B 102 -17.41 -5.62 31.16
C THR B 102 -18.43 -6.06 30.12
N VAL B 103 -18.07 -7.10 29.38
CA VAL B 103 -18.86 -7.60 28.25
C VAL B 103 -19.65 -8.82 28.69
N LEU B 104 -20.91 -8.90 28.26
CA LEU B 104 -21.76 -10.05 28.50
C LEU B 104 -22.23 -10.62 27.17
N LYS B 105 -22.18 -11.96 27.06
CA LYS B 105 -22.63 -12.67 25.86
C LYS B 105 -22.00 -12.10 24.59
N ALA B 106 -20.75 -12.44 24.34
CA ALA B 106 -20.09 -11.99 23.12
C ALA B 106 -20.61 -12.78 21.92
N GLY B 107 -20.74 -12.10 20.79
CA GLY B 107 -21.25 -12.74 19.59
C GLY B 107 -22.75 -12.98 19.65
N VAL B 108 -23.51 -11.90 19.79
CA VAL B 108 -24.97 -12.02 19.84
C VAL B 108 -25.49 -12.53 18.50
N PRO B 109 -26.27 -13.60 18.47
CA PRO B 109 -26.79 -14.11 17.20
C PRO B 109 -27.84 -13.18 16.62
N GLU B 110 -28.24 -13.48 15.38
CA GLU B 110 -29.23 -12.65 14.69
C GLU B 110 -30.63 -12.78 15.27
N ALA B 111 -30.88 -13.76 16.13
CA ALA B 111 -32.18 -13.91 16.75
C ALA B 111 -32.26 -13.24 18.12
N LEU B 112 -31.17 -13.26 18.88
CA LEU B 112 -31.17 -12.63 20.20
C LEU B 112 -31.10 -11.11 20.13
N ARG B 113 -30.48 -10.57 19.08
CA ARG B 113 -30.33 -9.12 18.98
C ARG B 113 -31.66 -8.38 18.89
N PRO B 114 -32.65 -8.80 18.10
CA PRO B 114 -33.94 -8.07 18.12
C PRO B 114 -34.62 -8.12 19.48
N THR B 115 -34.49 -9.24 20.20
CA THR B 115 -35.09 -9.34 21.52
C THR B 115 -34.35 -8.46 22.52
N LEU B 116 -33.03 -8.35 22.38
CA LEU B 116 -32.27 -7.46 23.25
C LEU B 116 -32.55 -6.00 22.95
N GLU B 117 -32.69 -5.67 21.66
CA GLU B 117 -32.90 -4.28 21.27
C GLU B 117 -34.17 -3.70 21.87
N GLU B 118 -35.22 -4.52 21.96
CA GLU B 118 -36.45 -4.07 22.62
C GLU B 118 -36.23 -3.88 24.11
N LEU B 119 -35.30 -4.63 24.70
CA LEU B 119 -34.98 -4.52 26.12
C LEU B 119 -33.81 -3.57 26.40
N THR B 120 -33.18 -3.05 25.35
CA THR B 120 -32.12 -2.05 25.57
C THR B 120 -32.68 -0.75 26.11
N ALA B 121 -33.86 -0.36 25.61
CA ALA B 121 -34.59 0.83 26.04
C ALA B 121 -33.80 2.12 25.88
N GLY B 122 -32.67 2.08 25.18
CA GLY B 122 -31.84 3.27 25.01
C GLY B 122 -31.34 3.86 26.30
N GLN B 123 -31.06 3.04 27.30
CA GLN B 123 -30.62 3.52 28.60
C GLN B 123 -29.09 3.63 28.65
N LYS B 124 -28.60 4.38 29.64
CA LYS B 124 -27.18 4.68 29.72
C LYS B 124 -26.36 3.44 30.07
N ASN B 125 -26.97 2.46 30.75
CA ASN B 125 -26.21 1.29 31.17
C ASN B 125 -26.12 0.26 30.06
N LEU B 126 -27.27 -0.11 29.47
CA LEU B 126 -27.33 -1.18 28.49
C LEU B 126 -27.14 -0.61 27.08
N TYR B 127 -26.09 -1.05 26.40
CA TYR B 127 -25.87 -0.69 25.00
C TYR B 127 -25.21 -1.84 24.28
N LEU B 128 -25.28 -1.81 22.95
CA LEU B 128 -24.75 -2.86 22.08
C LEU B 128 -23.63 -2.28 21.24
N ARG B 129 -22.38 -2.59 21.60
CA ARG B 129 -21.25 -2.13 20.81
C ARG B 129 -21.06 -3.04 19.60
N GLU B 130 -20.70 -2.44 18.47
CA GLU B 130 -20.47 -3.16 17.23
C GLU B 130 -18.99 -3.11 16.86
N ARG B 131 -18.50 -4.19 16.27
CA ARG B 131 -17.09 -4.31 15.95
C ARG B 131 -16.95 -5.02 14.60
N ILE B 132 -15.79 -4.81 13.97
CA ILE B 132 -15.46 -5.42 12.70
C ILE B 132 -14.40 -6.47 12.92
N GLU B 133 -14.62 -7.67 12.38
CA GLU B 133 -13.64 -8.75 12.47
C GLU B 133 -13.82 -9.66 11.26
N ARG B 134 -12.70 -10.17 10.75
CA ARG B 134 -12.72 -10.99 9.54
C ARG B 134 -13.24 -12.38 9.86
N TYR B 135 -14.27 -12.80 9.12
CA TYR B 135 -14.96 -14.06 9.37
C TYR B 135 -14.76 -15.01 8.20
N TYR B 136 -14.36 -16.25 8.51
CA TYR B 136 -14.14 -17.28 7.50
C TYR B 136 -15.24 -18.34 7.63
N PRO B 137 -16.31 -18.27 6.83
CA PRO B 137 -17.39 -19.25 6.99
C PRO B 137 -16.98 -20.66 6.63
N ASN B 138 -16.12 -20.84 5.62
CA ASN B 138 -15.61 -22.15 5.22
C ASN B 138 -14.09 -22.09 5.31
N PRO B 139 -13.53 -22.33 6.51
CA PRO B 139 -12.08 -22.20 6.68
C PRO B 139 -11.30 -23.18 5.80
N ILE B 140 -10.22 -22.68 5.22
CA ILE B 140 -9.31 -23.44 4.39
C ILE B 140 -7.93 -23.39 5.02
N SER B 141 -7.13 -24.44 4.79
CA SER B 141 -5.80 -24.59 5.37
C SER B 141 -5.03 -23.27 5.38
N GLY B 142 -4.56 -22.91 6.57
CA GLY B 142 -3.91 -21.64 6.80
C GLY B 142 -2.77 -21.30 5.85
N PRO B 143 -1.73 -22.15 5.82
CA PRO B 143 -0.57 -21.88 4.94
C PRO B 143 -0.92 -21.50 3.51
N VAL B 144 -2.11 -21.89 3.05
CA VAL B 144 -2.60 -21.44 1.76
C VAL B 144 -3.50 -20.23 1.96
N MET B 145 -4.54 -20.39 2.78
CA MET B 145 -5.48 -19.30 3.02
C MET B 145 -4.81 -18.18 3.81
N GLY B 146 -4.49 -18.45 5.08
CA GLY B 146 -3.75 -17.51 5.89
C GLY B 146 -4.64 -16.64 6.76
N TYR B 147 -3.98 -15.77 7.51
CA TYR B 147 -4.59 -15.04 8.61
C TYR B 147 -4.51 -13.53 8.37
N VAL B 148 -4.96 -12.78 9.36
CA VAL B 148 -5.04 -11.32 9.31
C VAL B 148 -4.69 -10.75 10.68
N LEU B 149 -3.91 -9.68 10.68
CA LEU B 149 -3.56 -8.97 11.91
C LEU B 149 -3.78 -7.48 11.72
N ARG B 150 -3.82 -6.76 12.84
CA ARG B 150 -3.97 -5.31 12.80
C ARG B 150 -2.68 -4.66 12.28
N ALA B 151 -2.78 -3.36 12.01
CA ALA B 151 -1.67 -2.64 11.41
C ALA B 151 -0.48 -2.57 12.38
N ASN B 152 0.70 -2.97 11.90
CA ASN B 152 1.90 -2.93 12.70
C ASN B 152 2.40 -1.49 12.84
N ALA B 153 3.25 -1.28 13.85
CA ALA B 153 3.80 0.05 14.08
C ALA B 153 4.61 0.53 12.87
N ALA B 154 5.36 -0.37 12.24
CA ALA B 154 6.06 -0.01 11.01
C ALA B 154 5.10 0.20 9.86
N GLN B 155 3.94 -0.46 9.89
CA GLN B 155 2.93 -0.28 8.85
C GLN B 155 2.08 0.96 9.06
N VAL B 156 1.98 1.45 10.30
CA VAL B 156 1.22 2.67 10.57
C VAL B 156 1.83 3.86 9.83
N LYS B 157 3.17 3.93 9.81
CA LYS B 157 3.85 5.02 9.12
C LYS B 157 3.66 4.98 7.61
N GLN B 158 3.16 3.88 7.06
CA GLN B 158 2.87 3.77 5.63
C GLN B 158 1.46 4.23 5.29
N GLY B 159 0.80 4.97 6.18
CA GLY B 159 -0.54 5.43 5.93
C GLY B 159 -1.64 4.48 6.34
N TYR B 160 -1.37 3.59 7.30
CA TYR B 160 -2.34 2.62 7.77
C TYR B 160 -2.94 3.07 9.09
N SER B 161 -4.27 3.05 9.17
CA SER B 161 -4.91 3.27 10.46
C SER B 161 -4.79 2.00 11.32
N PRO B 162 -4.67 2.14 12.63
CA PRO B 162 -4.58 0.95 13.49
C PRO B 162 -5.78 0.03 13.37
N GLU B 163 -6.96 0.56 13.06
CA GLU B 163 -8.13 -0.28 12.88
C GLU B 163 -8.07 -1.08 11.58
N GLU B 164 -7.20 -0.71 10.66
CA GLU B 164 -7.06 -1.46 9.41
C GLU B 164 -6.42 -2.82 9.68
N GLU B 165 -6.62 -3.73 8.73
CA GLU B 165 -6.22 -5.12 8.88
C GLU B 165 -5.24 -5.48 7.77
N VAL B 166 -4.00 -5.77 8.16
CA VAL B 166 -2.94 -6.11 7.21
C VAL B 166 -2.80 -7.63 7.17
N GLY B 167 -2.71 -8.19 5.97
CA GLY B 167 -2.65 -9.62 5.83
C GLY B 167 -1.29 -10.19 5.49
N GLN B 168 -0.67 -10.85 6.47
CA GLN B 168 0.57 -11.60 6.24
C GLN B 168 0.32 -12.95 5.58
N ALA B 169 -0.93 -13.23 5.24
CA ALA B 169 -1.28 -14.53 4.66
C ALA B 169 -0.62 -14.73 3.32
N GLY B 170 -0.40 -16.00 2.96
CA GLY B 170 0.08 -16.29 1.62
C GLY B 170 -0.89 -15.83 0.55
N LEU B 171 -2.20 -15.99 0.80
CA LEU B 171 -3.21 -15.59 -0.17
C LEU B 171 -3.73 -14.19 0.07
N GLU B 172 -3.85 -13.76 1.33
CA GLU B 172 -4.39 -12.44 1.61
C GLU B 172 -3.37 -11.33 1.51
N ALA B 173 -2.08 -11.65 1.37
CA ALA B 173 -1.12 -10.59 1.05
C ALA B 173 -1.13 -10.28 -0.44
N ALA B 174 -1.27 -11.30 -1.28
CA ALA B 174 -1.36 -11.07 -2.72
C ALA B 174 -2.63 -10.31 -3.08
N LEU B 175 -3.72 -10.59 -2.37
CA LEU B 175 -4.99 -9.92 -2.61
C LEU B 175 -5.16 -8.65 -1.81
N GLU B 176 -4.25 -8.36 -0.88
CA GLU B 176 -4.38 -7.16 -0.04
C GLU B 176 -4.50 -5.86 -0.83
N PRO B 177 -3.71 -5.61 -1.88
CA PRO B 177 -3.94 -4.40 -2.68
C PRO B 177 -5.31 -4.37 -3.35
N TYR B 178 -5.95 -5.52 -3.54
CA TYR B 178 -7.26 -5.59 -4.16
C TYR B 178 -8.40 -5.68 -3.17
N LEU B 179 -8.16 -6.23 -1.98
CA LEU B 179 -9.23 -6.38 -0.99
C LEU B 179 -9.48 -5.10 -0.21
N ARG B 180 -8.44 -4.30 0.03
CA ARG B 180 -8.59 -3.11 0.86
C ARG B 180 -9.50 -2.10 0.19
N GLY B 181 -10.36 -1.46 1.00
CA GLY B 181 -11.22 -0.40 0.56
C GLY B 181 -10.77 0.95 1.08
N LYS B 182 -11.32 2.00 0.49
CA LYS B 182 -10.97 3.36 0.87
C LYS B 182 -11.67 3.71 2.19
N ARG B 183 -10.88 4.04 3.20
CA ARG B 183 -11.43 4.46 4.49
C ARG B 183 -12.02 5.86 4.34
N GLY B 184 -13.33 5.93 4.15
CA GLY B 184 -13.99 7.20 3.96
C GLY B 184 -13.99 8.03 5.22
N VAL B 185 -14.47 9.27 5.08
CA VAL B 185 -14.57 10.21 6.18
C VAL B 185 -15.95 10.86 6.13
N ARG B 186 -16.59 10.99 7.29
CA ARG B 186 -17.90 11.60 7.41
C ARG B 186 -17.87 12.65 8.50
N ALA B 187 -18.96 13.43 8.58
CA ALA B 187 -19.14 14.44 9.61
C ALA B 187 -20.60 14.46 10.02
N VAL B 188 -20.85 14.53 11.32
CA VAL B 188 -22.20 14.48 11.86
C VAL B 188 -22.42 15.69 12.74
N GLU B 189 -23.56 16.37 12.55
CA GLU B 189 -23.93 17.48 13.39
C GLU B 189 -24.30 16.98 14.79
N VAL B 190 -23.68 17.55 15.81
CA VAL B 190 -23.89 17.15 17.19
C VAL B 190 -24.64 18.27 17.91
N ASN B 191 -25.77 17.93 18.52
CA ASN B 191 -26.57 18.92 19.22
C ASN B 191 -25.87 19.36 20.51
N VAL B 192 -26.43 20.39 21.14
CA VAL B 192 -25.91 20.84 22.43
C VAL B 192 -26.04 19.74 23.47
N ARG B 193 -27.08 18.92 23.38
CA ARG B 193 -27.21 17.78 24.26
C ARG B 193 -26.10 16.77 24.01
N GLY B 194 -25.82 16.48 22.73
CA GLY B 194 -24.73 15.60 22.38
C GLY B 194 -25.17 14.33 21.69
N GLU B 195 -25.91 14.46 20.60
CA GLU B 195 -26.42 13.31 19.87
C GLU B 195 -26.22 13.51 18.38
N ARG B 196 -26.26 12.39 17.64
CA ARG B 196 -26.20 12.45 16.19
C ARG B 196 -27.49 13.07 15.65
N LEU B 197 -27.34 13.93 14.64
CA LEU B 197 -28.50 14.54 13.99
C LEU B 197 -28.53 14.18 12.50
N ARG B 198 -27.57 14.65 11.71
CA ARG B 198 -27.48 14.33 10.30
C ARG B 198 -26.06 13.87 9.99
N GLU B 199 -25.94 12.80 9.20
CA GLU B 199 -24.64 12.37 8.71
C GLU B 199 -24.33 13.09 7.40
N THR B 200 -23.04 13.34 7.19
CA THR B 200 -22.57 14.01 5.98
C THR B 200 -21.40 13.21 5.42
N VAL B 201 -21.60 12.61 4.25
CA VAL B 201 -20.58 11.79 3.61
C VAL B 201 -19.64 12.72 2.85
N LEU B 202 -18.41 12.85 3.34
CA LEU B 202 -17.39 13.64 2.65
C LEU B 202 -16.45 12.79 1.82
N GLU B 203 -16.32 11.50 2.11
CA GLU B 203 -15.53 10.59 1.30
C GLU B 203 -16.23 9.25 1.32
N GLU B 204 -16.74 8.82 0.18
CA GLU B 204 -17.50 7.57 0.14
C GLU B 204 -16.55 6.39 0.32
N PRO B 205 -16.83 5.47 1.25
CA PRO B 205 -15.93 4.33 1.47
C PRO B 205 -16.13 3.27 0.39
N THR B 206 -15.06 2.94 -0.31
CA THR B 206 -15.12 1.87 -1.30
C THR B 206 -15.20 0.53 -0.59
N PRO B 207 -16.14 -0.34 -0.95
CA PRO B 207 -16.33 -1.58 -0.19
C PRO B 207 -15.37 -2.69 -0.58
N GLY B 208 -14.24 -2.34 -1.19
CA GLY B 208 -13.28 -3.34 -1.60
C GLY B 208 -13.78 -4.19 -2.76
N GLN B 209 -12.91 -5.06 -3.22
CA GLN B 209 -13.19 -5.93 -4.36
C GLN B 209 -13.24 -7.38 -3.93
N ASP B 210 -14.17 -8.14 -4.50
CA ASP B 210 -14.34 -9.54 -4.18
C ASP B 210 -13.57 -10.40 -5.17
N VAL B 211 -12.72 -11.29 -4.63
CA VAL B 211 -11.86 -12.13 -5.44
C VAL B 211 -12.47 -13.52 -5.56
N VAL B 212 -12.55 -14.04 -6.78
CA VAL B 212 -13.04 -15.38 -7.04
C VAL B 212 -11.84 -16.28 -7.25
N LEU B 213 -11.74 -17.34 -6.45
CA LEU B 213 -10.62 -18.27 -6.53
C LEU B 213 -10.96 -19.45 -7.43
N THR B 214 -9.91 -20.13 -7.90
CA THR B 214 -10.06 -21.35 -8.67
C THR B 214 -10.17 -22.58 -7.78
N LEU B 215 -10.01 -22.43 -6.47
CA LEU B 215 -10.16 -23.54 -5.55
C LEU B 215 -11.61 -24.02 -5.51
N ASP B 216 -11.78 -25.31 -5.31
CA ASP B 216 -13.10 -25.91 -5.10
C ASP B 216 -13.21 -26.30 -3.64
N LEU B 217 -14.21 -25.75 -2.95
CA LEU B 217 -14.41 -26.08 -1.54
C LEU B 217 -14.62 -27.58 -1.34
N ALA B 218 -15.20 -28.26 -2.34
CA ALA B 218 -15.37 -29.70 -2.26
C ALA B 218 -14.02 -30.41 -2.24
N LEU B 219 -13.18 -30.15 -3.25
CA LEU B 219 -11.86 -30.77 -3.27
C LEU B 219 -10.98 -30.28 -2.14
N GLN B 220 -11.21 -29.06 -1.65
CA GLN B 220 -10.37 -28.52 -0.59
C GLN B 220 -10.58 -29.27 0.72
N ARG B 221 -11.83 -29.60 1.05
CA ARG B 221 -12.09 -30.42 2.22
C ARG B 221 -11.45 -31.79 2.08
N ALA B 222 -11.56 -32.40 0.90
CA ALA B 222 -10.97 -33.71 0.68
C ALA B 222 -9.46 -33.69 0.75
N ALA B 223 -8.84 -32.60 0.28
CA ALA B 223 -7.38 -32.50 0.34
C ALA B 223 -6.89 -32.47 1.77
N GLU B 224 -7.45 -31.57 2.59
CA GLU B 224 -7.08 -31.53 4.00
C GLU B 224 -7.48 -32.81 4.72
N LYS B 225 -8.58 -33.44 4.28
CA LYS B 225 -9.00 -34.71 4.86
C LYS B 225 -8.00 -35.81 4.51
N ALA B 226 -7.63 -35.91 3.23
CA ALA B 226 -6.72 -36.95 2.78
C ALA B 226 -5.34 -36.85 3.43
N LEU B 227 -4.99 -35.69 3.98
CA LEU B 227 -3.72 -35.57 4.68
C LEU B 227 -3.73 -36.32 6.01
N GLU B 228 -4.90 -36.43 6.64
CA GLU B 228 -4.98 -37.03 7.96
C GLU B 228 -4.89 -38.56 7.88
N GLU B 229 -5.60 -39.18 6.93
CA GLU B 229 -5.50 -40.62 6.78
C GLU B 229 -4.11 -41.06 6.35
N ALA B 230 -3.31 -40.15 5.77
CA ALA B 230 -1.92 -40.47 5.49
C ALA B 230 -1.12 -40.62 6.78
N LEU B 231 -1.50 -39.89 7.83
CA LEU B 231 -0.83 -40.07 9.12
C LEU B 231 -0.97 -41.50 9.62
N ALA B 232 -2.17 -42.08 9.49
CA ALA B 232 -2.34 -43.49 9.82
C ALA B 232 -1.45 -44.37 8.95
N ASP B 233 -1.20 -43.96 7.70
CA ASP B 233 -0.27 -44.68 6.85
C ASP B 233 1.18 -44.31 7.13
N ILE B 234 1.43 -43.05 7.50
CA ILE B 234 2.80 -42.64 7.85
C ILE B 234 3.24 -43.34 9.13
N ASN B 235 2.39 -43.34 10.15
CA ASN B 235 2.73 -44.05 11.39
C ASN B 235 2.84 -45.55 11.17
N ALA B 236 2.04 -46.09 10.25
CA ALA B 236 2.15 -47.52 9.94
C ALA B 236 3.47 -47.84 9.26
N GLY B 237 3.91 -46.98 8.34
CA GLY B 237 5.19 -47.22 7.68
C GLY B 237 6.36 -47.05 8.61
N ARG B 238 6.36 -45.99 9.41
CA ARG B 238 7.44 -45.77 10.37
C ARG B 238 7.45 -46.83 11.47
N ARG B 239 6.34 -47.53 11.68
CA ARG B 239 6.30 -48.58 12.70
C ARG B 239 7.18 -49.76 12.31
N LEU B 240 7.22 -50.11 11.02
CA LEU B 240 8.05 -51.21 10.57
C LEU B 240 9.53 -50.88 10.64
N ASN B 241 9.89 -49.60 10.75
CA ASN B 241 11.28 -49.18 10.87
C ASN B 241 11.73 -49.02 12.32
N GLY B 242 10.80 -48.99 13.26
CA GLY B 242 11.12 -48.78 14.66
C GLY B 242 11.11 -47.34 15.12
N LEU B 243 11.03 -46.39 14.20
CA LEU B 243 10.98 -44.98 14.56
C LEU B 243 9.68 -44.67 15.31
N PRO B 244 9.65 -43.59 16.09
CA PRO B 244 8.42 -43.22 16.79
C PRO B 244 7.29 -42.89 15.83
N GLU B 245 6.07 -42.83 16.40
CA GLU B 245 4.88 -42.58 15.60
C GLU B 245 4.89 -41.21 14.95
N GLU B 246 5.63 -40.25 15.51
CA GLU B 246 5.77 -38.88 14.98
C GLU B 246 4.46 -38.35 14.40
N LYS B 247 3.41 -38.41 15.22
CA LYS B 247 2.09 -37.96 14.81
C LYS B 247 2.06 -36.46 14.61
N GLN B 248 2.46 -36.01 13.43
CA GLN B 248 2.47 -34.58 13.11
C GLN B 248 1.91 -34.23 11.75
N VAL B 249 1.87 -35.16 10.79
CA VAL B 249 1.35 -34.93 9.44
C VAL B 249 2.09 -33.77 8.80
N LYS B 250 3.37 -33.98 8.48
CA LYS B 250 4.17 -32.98 7.78
C LYS B 250 4.08 -33.25 6.28
N GLY B 251 3.42 -32.36 5.55
CA GLY B 251 3.28 -32.52 4.12
C GLY B 251 2.20 -31.61 3.57
N ALA B 252 2.06 -31.67 2.25
CA ALA B 252 1.09 -30.85 1.53
C ALA B 252 0.62 -31.60 0.30
N ILE B 253 -0.39 -31.03 -0.37
CA ILE B 253 -0.97 -31.65 -1.55
C ILE B 253 -1.51 -30.56 -2.46
N VAL B 254 -1.39 -30.78 -3.76
CA VAL B 254 -1.82 -29.82 -4.78
C VAL B 254 -2.64 -30.55 -5.83
N ALA B 255 -3.80 -30.00 -6.19
CA ALA B 255 -4.65 -30.54 -7.24
C ALA B 255 -5.07 -29.40 -8.15
N LEU B 256 -4.78 -29.54 -9.44
CA LEU B 256 -5.02 -28.46 -10.40
C LEU B 256 -5.57 -29.02 -11.72
N ASP B 257 -6.04 -28.11 -12.56
CA ASP B 257 -6.50 -28.45 -13.90
C ASP B 257 -5.34 -28.30 -14.87
N PRO B 258 -4.93 -29.36 -15.57
CA PRO B 258 -3.79 -29.22 -16.50
C PRO B 258 -4.11 -28.38 -17.72
N THR B 259 -5.38 -28.30 -18.13
CA THR B 259 -5.72 -27.54 -19.34
C THR B 259 -5.73 -26.04 -19.08
N THR B 260 -6.70 -25.57 -18.31
CA THR B 260 -6.86 -24.14 -18.06
C THR B 260 -5.87 -23.60 -17.04
N GLY B 261 -4.98 -24.44 -16.51
CA GLY B 261 -3.99 -23.99 -15.55
C GLY B 261 -4.55 -23.56 -14.20
N GLU B 262 -5.84 -23.76 -13.96
CA GLU B 262 -6.44 -23.42 -12.68
C GLU B 262 -6.07 -24.47 -11.63
N VAL B 263 -5.83 -24.01 -10.40
CA VAL B 263 -5.56 -24.88 -9.27
C VAL B 263 -6.86 -25.09 -8.51
N LEU B 264 -7.23 -26.35 -8.29
CA LEU B 264 -8.52 -26.69 -7.71
C LEU B 264 -8.45 -27.00 -6.21
N ALA B 265 -7.35 -27.57 -5.74
CA ALA B 265 -7.22 -27.90 -4.32
C ALA B 265 -5.76 -27.86 -3.92
N MET B 266 -5.45 -27.00 -2.95
CA MET B 266 -4.10 -26.91 -2.40
C MET B 266 -4.21 -26.83 -0.88
N ALA B 267 -3.52 -27.73 -0.18
CA ALA B 267 -3.61 -27.79 1.26
C ALA B 267 -2.28 -28.26 1.83
N SER B 268 -1.89 -27.67 2.96
CA SER B 268 -0.68 -28.03 3.67
C SER B 268 -1.04 -28.46 5.09
N ALA B 269 -0.06 -29.07 5.77
CA ALA B 269 -0.24 -29.55 7.12
C ALA B 269 1.08 -29.46 7.86
N PRO B 270 1.07 -29.12 9.15
CA PRO B 270 -0.13 -28.91 9.96
C PRO B 270 -0.69 -27.50 9.85
N SER B 271 -1.81 -27.36 9.15
CA SER B 271 -2.43 -26.06 8.96
C SER B 271 -3.03 -25.55 10.27
N PHE B 272 -3.50 -24.31 10.24
CA PHE B 272 -4.13 -23.68 11.39
C PHE B 272 -5.50 -23.16 10.98
N ASP B 273 -6.17 -22.50 11.93
CA ASP B 273 -7.49 -21.94 11.69
C ASP B 273 -7.36 -20.44 11.47
N PRO B 274 -7.70 -19.92 10.29
CA PRO B 274 -7.57 -18.46 10.07
C PRO B 274 -8.49 -17.63 10.96
N ASN B 275 -9.55 -18.21 11.51
CA ASN B 275 -10.42 -17.49 12.42
C ASN B 275 -9.77 -17.18 13.75
N LEU B 276 -8.63 -17.81 14.05
CA LEU B 276 -7.97 -17.58 15.34
C LEU B 276 -7.34 -16.19 15.39
N PHE B 277 -6.50 -15.86 14.40
CA PHE B 277 -5.83 -14.56 14.39
C PHE B 277 -6.79 -13.40 14.16
N ALA B 278 -7.97 -13.66 13.59
CA ALA B 278 -8.82 -12.57 13.10
C ALA B 278 -9.69 -11.99 14.21
N LYS B 279 -10.72 -12.74 14.62
CA LYS B 279 -11.76 -12.18 15.48
C LYS B 279 -11.23 -11.86 16.87
N ARG B 280 -10.31 -12.67 17.38
CA ARG B 280 -9.85 -12.49 18.74
C ARG B 280 -8.90 -11.29 18.84
N PRO B 281 -9.05 -10.45 19.87
CA PRO B 281 -8.11 -9.33 20.05
C PRO B 281 -6.67 -9.81 20.19
N VAL B 282 -6.38 -10.59 21.22
CA VAL B 282 -5.06 -11.18 21.40
C VAL B 282 -5.25 -12.66 21.76
N PRO B 283 -5.43 -13.54 20.77
CA PRO B 283 -5.59 -14.96 21.08
C PRO B 283 -4.27 -15.58 21.53
N GLU B 284 -4.25 -16.08 22.76
CA GLU B 284 -3.02 -16.66 23.30
C GLU B 284 -2.62 -17.93 22.54
N GLU B 285 -3.59 -18.63 21.96
CA GLU B 285 -3.27 -19.82 21.17
C GLU B 285 -2.52 -19.46 19.90
N ALA B 286 -2.80 -18.28 19.33
CA ALA B 286 -2.10 -17.87 18.12
C ALA B 286 -0.65 -17.48 18.41
N LYS B 287 -0.37 -16.99 19.62
CA LYS B 287 1.00 -16.66 19.98
C LYS B 287 1.88 -17.90 20.05
N ALA B 288 1.31 -19.05 20.46
CA ALA B 288 2.07 -20.28 20.48
C ALA B 288 2.30 -20.82 19.07
N LEU B 289 1.40 -20.49 18.13
CA LEU B 289 1.59 -20.93 16.75
C LEU B 289 2.80 -20.24 16.12
N LEU B 290 3.05 -18.97 16.49
CA LEU B 290 4.19 -18.25 15.93
C LEU B 290 5.51 -18.78 16.49
N GLU B 291 5.51 -19.21 17.75
CA GLU B 291 6.71 -19.76 18.38
C GLU B 291 6.79 -21.28 18.26
N ASP B 292 6.11 -21.86 17.27
CA ASP B 292 6.06 -23.31 17.14
C ASP B 292 7.40 -23.84 16.64
N LYS B 293 7.86 -24.94 17.25
CA LYS B 293 9.08 -25.58 16.80
C LYS B 293 8.94 -26.17 15.40
N ASN B 294 7.73 -26.56 15.03
CA ASN B 294 7.46 -27.02 13.68
C ASN B 294 7.19 -25.83 12.76
N LEU B 295 6.55 -26.09 11.62
CA LEU B 295 6.22 -25.04 10.65
C LEU B 295 4.72 -25.12 10.36
N PRO B 296 3.88 -24.66 11.30
CA PRO B 296 2.44 -24.72 11.08
C PRO B 296 1.91 -23.64 10.15
N LEU B 297 2.70 -22.62 9.84
CA LEU B 297 2.26 -21.51 9.01
C LEU B 297 2.77 -21.60 7.58
N LEU B 298 3.92 -22.23 7.36
CA LEU B 298 4.52 -22.28 6.04
C LEU B 298 3.78 -23.24 5.13
N ASN B 299 3.63 -22.84 3.86
CA ASN B 299 2.94 -23.64 2.86
C ASN B 299 3.97 -24.59 2.24
N ARG B 300 3.89 -25.87 2.63
CA ARG B 300 4.82 -26.86 2.13
C ARG B 300 4.60 -27.18 0.65
N ALA B 301 3.56 -26.61 0.03
CA ALA B 301 3.35 -26.82 -1.39
C ALA B 301 4.30 -25.98 -2.23
N VAL B 302 4.83 -24.88 -1.68
CA VAL B 302 5.73 -23.99 -2.39
C VAL B 302 7.14 -24.03 -1.84
N GLN B 303 7.42 -24.92 -0.87
CA GLN B 303 8.76 -24.99 -0.30
C GLN B 303 9.59 -26.07 -0.99
N PRO B 304 10.90 -25.85 -1.13
CA PRO B 304 11.73 -26.81 -1.86
C PRO B 304 12.01 -28.05 -1.03
N TYR B 305 11.85 -29.22 -1.65
CA TYR B 305 12.16 -30.49 -1.02
C TYR B 305 12.81 -31.39 -2.07
N THR B 306 13.18 -32.59 -1.65
CA THR B 306 13.77 -33.56 -2.57
C THR B 306 12.67 -34.27 -3.35
N PRO B 307 12.70 -34.24 -4.68
CA PRO B 307 11.58 -34.82 -5.45
C PRO B 307 11.68 -36.33 -5.59
N GLY B 308 12.89 -36.86 -5.68
CA GLY B 308 13.05 -38.30 -5.81
C GLY B 308 12.57 -38.78 -7.17
N SER B 309 11.95 -39.98 -7.17
CA SER B 309 11.55 -40.64 -8.39
C SER B 309 10.57 -39.82 -9.24
N THR B 310 10.03 -38.73 -8.71
CA THR B 310 9.21 -37.85 -9.54
C THR B 310 10.04 -37.07 -10.55
N PHE B 311 11.31 -36.80 -10.21
CA PHE B 311 12.17 -36.05 -11.12
C PHE B 311 12.63 -36.91 -12.30
N LYS B 312 12.65 -38.23 -12.13
CA LYS B 312 13.07 -39.12 -13.22
C LYS B 312 12.14 -39.02 -14.43
N LEU B 313 10.91 -38.53 -14.23
CA LEU B 313 10.03 -38.29 -15.36
C LEU B 313 10.56 -37.17 -16.25
N ALA B 314 11.21 -36.17 -15.65
CA ALA B 314 11.87 -35.13 -16.44
C ALA B 314 13.19 -35.60 -17.01
N THR B 315 13.89 -36.49 -16.30
CA THR B 315 15.14 -37.04 -16.84
C THR B 315 14.88 -37.81 -18.12
N SER B 316 13.77 -38.56 -18.18
CA SER B 316 13.40 -39.24 -19.42
C SER B 316 13.02 -38.24 -20.51
N TYR B 317 12.39 -37.13 -20.13
CA TYR B 317 12.07 -36.09 -21.11
C TYR B 317 13.34 -35.48 -21.69
N ALA B 318 14.29 -35.13 -20.83
CA ALA B 318 15.58 -34.63 -21.31
C ALA B 318 16.35 -35.71 -22.06
N LEU B 319 16.08 -36.99 -21.78
CA LEU B 319 16.78 -38.07 -22.47
C LEU B 319 16.22 -38.31 -23.87
N LEU B 320 14.91 -38.10 -24.06
CA LEU B 320 14.30 -38.32 -25.37
C LEU B 320 14.48 -37.12 -26.28
N GLU B 321 14.41 -35.90 -25.73
CA GLU B 321 14.52 -34.71 -26.56
C GLU B 321 15.96 -34.46 -27.02
N GLU B 322 16.94 -34.78 -26.17
CA GLU B 322 18.33 -34.63 -26.57
C GLU B 322 18.76 -35.66 -27.60
N GLY B 323 18.00 -36.75 -27.75
CA GLY B 323 18.36 -37.81 -28.67
C GLY B 323 19.21 -38.91 -28.08
N TYR B 324 19.21 -39.07 -26.76
CA TYR B 324 20.01 -40.11 -26.13
C TYR B 324 19.41 -41.49 -26.39
N VAL B 325 18.10 -41.63 -26.22
CA VAL B 325 17.42 -42.91 -26.36
C VAL B 325 16.20 -42.74 -27.26
N THR B 326 16.02 -43.69 -28.17
CA THR B 326 14.80 -43.76 -28.96
C THR B 326 13.66 -44.25 -28.08
N PRO B 327 12.41 -44.03 -28.50
CA PRO B 327 11.27 -44.52 -27.70
C PRO B 327 11.20 -46.04 -27.58
N ALA B 328 12.06 -46.79 -28.27
CA ALA B 328 12.04 -48.24 -28.25
C ALA B 328 13.44 -48.79 -28.01
N THR B 329 14.16 -48.20 -27.05
CA THR B 329 15.49 -48.68 -26.72
C THR B 329 15.41 -49.95 -25.86
N THR B 330 16.56 -50.57 -25.65
CA THR B 330 16.65 -51.84 -24.92
C THR B 330 17.66 -51.69 -23.80
N TYR B 331 17.18 -51.77 -22.56
CA TYR B 331 18.03 -51.80 -21.38
C TYR B 331 17.42 -52.74 -20.35
N ARG B 332 18.22 -53.66 -19.84
CA ARG B 332 17.76 -54.64 -18.86
C ARG B 332 17.89 -54.05 -17.45
N CYS B 333 16.79 -54.06 -16.71
CA CYS B 333 16.76 -53.50 -15.35
C CYS B 333 17.41 -54.50 -14.40
N SER B 334 18.73 -54.45 -14.36
CA SER B 334 19.51 -55.34 -13.50
C SER B 334 19.34 -54.93 -12.03
N PRO B 335 19.74 -55.80 -11.09
CA PRO B 335 19.66 -55.42 -9.68
C PRO B 335 20.79 -54.50 -9.24
N TYR B 336 21.93 -54.55 -9.92
CA TYR B 336 23.09 -53.77 -9.53
C TYR B 336 23.79 -53.22 -10.78
N ILE B 337 24.38 -52.05 -10.63
CA ILE B 337 25.12 -51.38 -11.69
C ILE B 337 26.34 -50.71 -11.09
N VAL B 338 27.49 -50.87 -11.72
CA VAL B 338 28.74 -50.26 -11.28
C VAL B 338 29.03 -49.08 -12.21
N PHE B 339 29.00 -47.87 -11.65
CA PHE B 339 29.34 -46.68 -12.43
C PHE B 339 30.82 -46.63 -12.75
N GLY B 340 31.66 -47.18 -11.88
CA GLY B 340 33.10 -47.14 -12.07
C GLY B 340 33.83 -46.97 -10.76
N GLY B 341 33.16 -46.34 -9.79
CA GLY B 341 33.73 -46.17 -8.46
C GLY B 341 33.01 -46.99 -7.41
N GLN B 342 31.68 -46.88 -7.38
CA GLN B 342 30.85 -47.63 -6.46
C GLN B 342 29.74 -48.35 -7.22
N VAL B 343 28.93 -49.11 -6.50
CA VAL B 343 27.84 -49.87 -7.08
C VAL B 343 26.54 -49.10 -6.89
N ARG B 344 25.88 -48.78 -8.00
CA ARG B 344 24.58 -48.12 -7.95
C ARG B 344 23.50 -49.14 -7.63
N ARG B 345 22.78 -48.91 -6.54
CA ARG B 345 21.77 -49.85 -6.06
C ARG B 345 20.44 -49.60 -6.75
N ASN B 346 19.71 -50.69 -7.00
CA ASN B 346 18.37 -50.63 -7.53
C ASN B 346 17.36 -50.71 -6.39
N TRP B 347 16.14 -50.25 -6.67
CA TRP B 347 15.08 -50.31 -5.66
C TRP B 347 14.71 -51.75 -5.33
N ALA B 348 14.89 -52.66 -6.27
CA ALA B 348 14.58 -54.08 -6.08
C ALA B 348 15.86 -54.84 -5.76
N SER B 349 15.84 -56.16 -5.96
CA SER B 349 17.01 -56.98 -5.69
C SER B 349 17.18 -58.12 -6.69
N ARG B 350 16.35 -58.22 -7.73
CA ARG B 350 16.46 -59.25 -8.74
C ARG B 350 16.31 -58.62 -10.12
N ASP B 351 16.60 -59.41 -11.14
CA ASP B 351 16.52 -58.92 -12.51
C ASP B 351 15.05 -58.71 -12.91
N MET B 352 14.75 -57.53 -13.45
CA MET B 352 13.40 -57.20 -13.89
C MET B 352 13.13 -57.60 -15.32
N GLY B 353 14.12 -57.47 -16.21
CA GLY B 353 13.97 -57.83 -17.59
C GLY B 353 14.21 -56.66 -18.53
N PRO B 354 14.10 -56.91 -19.83
CA PRO B 354 14.29 -55.82 -20.80
C PRO B 354 13.17 -54.81 -20.72
N MET B 355 13.54 -53.54 -20.76
CA MET B 355 12.58 -52.44 -20.65
C MET B 355 12.82 -51.42 -21.74
N THR B 356 11.81 -50.58 -21.95
CA THR B 356 11.89 -49.41 -22.82
C THR B 356 11.72 -48.16 -21.96
N VAL B 357 11.60 -47.00 -22.62
CA VAL B 357 11.30 -45.77 -21.90
C VAL B 357 9.94 -45.88 -21.23
N ARG B 358 8.97 -46.51 -21.91
CA ARG B 358 7.65 -46.70 -21.33
C ARG B 358 7.70 -47.68 -20.17
N GLU B 359 8.50 -48.75 -20.30
CA GLU B 359 8.59 -49.73 -19.22
C GLU B 359 9.43 -49.20 -18.05
N ALA B 360 10.42 -48.34 -18.32
CA ALA B 360 11.24 -47.80 -17.25
C ALA B 360 10.44 -46.87 -16.35
N ILE B 361 9.58 -46.05 -16.93
CA ILE B 361 8.72 -45.18 -16.13
C ILE B 361 7.71 -46.01 -15.35
N ALA B 362 7.21 -47.09 -15.96
CA ALA B 362 6.21 -47.95 -15.34
C ALA B 362 6.68 -48.47 -13.99
N TRP B 363 7.61 -49.42 -14.02
CA TRP B 363 8.12 -50.05 -12.80
C TRP B 363 9.15 -49.18 -12.07
N SER B 364 9.35 -47.93 -12.52
CA SER B 364 10.21 -46.97 -11.85
C SER B 364 11.62 -47.53 -11.63
N CYS B 365 12.14 -48.21 -12.66
CA CYS B 365 13.46 -48.80 -12.58
C CYS B 365 14.52 -47.71 -12.46
N ASN B 366 15.41 -47.85 -11.48
CA ASN B 366 16.51 -46.91 -11.32
C ASN B 366 17.71 -47.29 -12.19
N THR B 367 17.87 -48.58 -12.48
CA THR B 367 19.00 -49.02 -13.29
C THR B 367 18.86 -48.62 -14.75
N TRP B 368 17.67 -48.21 -15.18
CA TRP B 368 17.53 -47.64 -16.51
C TRP B 368 18.27 -46.33 -16.63
N TYR B 369 18.02 -45.41 -15.70
CA TYR B 369 18.65 -44.09 -15.70
C TYR B 369 20.10 -44.12 -15.26
N TYR B 370 20.65 -45.29 -14.96
CA TYR B 370 22.08 -45.43 -14.71
C TYR B 370 22.85 -45.77 -15.98
N GLN B 371 22.35 -46.75 -16.75
CA GLN B 371 23.01 -47.14 -17.99
C GLN B 371 22.88 -46.06 -19.05
N ALA B 372 21.72 -45.39 -19.11
CA ALA B 372 21.49 -44.40 -20.16
C ALA B 372 22.33 -43.15 -19.94
N VAL B 373 22.40 -42.66 -18.70
CA VAL B 373 23.23 -41.50 -18.41
C VAL B 373 24.72 -41.81 -18.45
N ALA B 374 25.11 -43.07 -18.22
CA ALA B 374 26.53 -43.44 -18.25
C ALA B 374 27.16 -43.20 -19.61
N GLN B 375 26.37 -43.03 -20.66
CA GLN B 375 26.93 -42.75 -21.99
C GLN B 375 27.62 -41.39 -22.02
N ASP B 376 26.91 -40.35 -21.60
CA ASP B 376 27.43 -38.98 -21.57
C ASP B 376 27.07 -38.34 -20.24
N PRO B 377 27.76 -38.74 -19.16
CA PRO B 377 27.39 -38.23 -17.83
C PRO B 377 27.80 -36.78 -17.57
N LEU B 378 28.76 -36.26 -18.33
CA LEU B 378 29.27 -34.92 -18.05
C LEU B 378 28.52 -33.82 -18.80
N GLY B 379 27.99 -34.11 -19.98
CA GLY B 379 27.28 -33.09 -20.75
C GLY B 379 25.79 -33.14 -20.56
N PHE B 380 25.27 -34.30 -20.13
CA PHE B 380 23.83 -34.44 -19.96
C PHE B 380 23.32 -33.65 -18.76
N VAL B 381 24.16 -33.48 -17.73
CA VAL B 381 23.71 -32.80 -16.52
C VAL B 381 23.34 -31.36 -16.82
N ASP B 382 24.10 -30.69 -17.66
CA ASP B 382 23.76 -29.32 -18.05
C ASP B 382 22.54 -29.29 -18.95
N ARG B 383 22.46 -30.21 -19.91
CA ARG B 383 21.28 -30.30 -20.76
C ARG B 383 20.06 -30.78 -19.97
N LEU B 384 20.28 -31.52 -18.89
CA LEU B 384 19.16 -31.95 -18.04
C LEU B 384 18.45 -30.75 -17.45
N ALA B 385 19.20 -29.80 -16.89
CA ALA B 385 18.60 -28.61 -16.30
C ALA B 385 17.96 -27.72 -17.36
N ARG B 386 18.44 -27.79 -18.60
CA ARG B 386 17.80 -27.05 -19.69
C ARG B 386 16.36 -27.50 -19.87
N ARG B 387 16.17 -28.81 -20.06
CA ARG B 387 14.81 -29.34 -20.20
C ARG B 387 14.04 -29.25 -18.90
N ALA B 388 14.72 -29.40 -17.76
CA ALA B 388 14.05 -29.34 -16.47
C ALA B 388 13.46 -27.96 -16.22
N ARG B 389 14.24 -26.91 -16.48
CA ARG B 389 13.72 -25.56 -16.38
C ARG B 389 12.72 -25.26 -17.49
N LEU B 390 12.79 -25.99 -18.61
CA LEU B 390 11.81 -25.83 -19.67
C LEU B 390 10.45 -26.40 -19.26
N LEU B 391 10.44 -27.46 -18.45
CA LEU B 391 9.20 -28.05 -17.97
C LEU B 391 8.58 -27.28 -16.82
N GLY B 392 9.34 -26.40 -16.16
CA GLY B 392 8.78 -25.55 -15.13
C GLY B 392 9.25 -25.91 -13.73
N LEU B 393 10.45 -26.51 -13.65
CA LEU B 393 10.98 -26.97 -12.37
C LEU B 393 11.92 -25.98 -11.71
N GLY B 394 12.54 -25.08 -12.47
CA GLY B 394 13.42 -24.10 -11.88
C GLY B 394 12.77 -22.76 -11.65
N GLU B 395 12.07 -22.26 -12.66
CA GLU B 395 11.41 -20.96 -12.57
C GLU B 395 10.14 -21.06 -11.71
N ALA B 396 9.57 -19.90 -11.42
CA ALA B 396 8.38 -19.83 -10.58
C ALA B 396 7.17 -20.36 -11.35
N THR B 397 6.10 -20.63 -10.59
CA THR B 397 4.87 -21.16 -11.17
C THR B 397 3.84 -20.08 -11.46
N GLY B 398 4.09 -18.84 -11.07
CA GLY B 398 3.12 -17.79 -11.28
C GLY B 398 2.01 -17.74 -10.25
N LEU B 399 2.20 -18.39 -9.11
CA LEU B 399 1.19 -18.37 -8.06
C LEU B 399 1.20 -17.03 -7.33
N GLU B 400 0.01 -16.60 -6.90
CA GLU B 400 -0.09 -15.35 -6.15
C GLU B 400 0.53 -15.48 -4.77
N VAL B 401 0.44 -16.67 -4.15
CA VAL B 401 1.03 -16.89 -2.84
C VAL B 401 2.56 -16.85 -2.95
N ALA B 402 3.20 -16.33 -1.91
CA ALA B 402 4.65 -16.32 -1.83
C ALA B 402 5.21 -17.72 -2.05
N GLU B 403 6.14 -17.83 -2.99
CA GLU B 403 6.70 -19.11 -3.40
C GLU B 403 8.22 -19.08 -3.25
N LYS B 404 8.80 -20.24 -2.93
CA LYS B 404 10.23 -20.35 -2.71
C LYS B 404 10.93 -20.80 -3.98
N THR B 405 12.26 -20.62 -3.99
CA THR B 405 13.07 -20.86 -5.17
C THR B 405 13.41 -22.35 -5.29
N GLY B 406 13.06 -22.94 -6.43
CA GLY B 406 13.44 -24.32 -6.70
C GLY B 406 14.82 -24.40 -7.34
N LEU B 407 15.73 -25.13 -6.72
CA LEU B 407 17.12 -25.19 -7.17
C LEU B 407 17.33 -26.38 -8.10
N LEU B 408 17.85 -26.11 -9.30
CA LEU B 408 18.25 -27.15 -10.23
C LEU B 408 19.76 -27.14 -10.39
N PRO B 409 20.42 -28.29 -10.30
CA PRO B 409 21.89 -28.32 -10.34
C PRO B 409 22.41 -28.26 -11.77
N THR B 410 23.36 -27.37 -12.00
CA THR B 410 24.09 -27.28 -13.26
C THR B 410 25.59 -27.34 -12.96
N ARG B 411 26.39 -27.51 -14.01
CA ARG B 411 27.83 -27.47 -13.84
C ARG B 411 28.31 -26.09 -13.38
N ALA B 412 27.64 -25.03 -13.86
CA ALA B 412 28.01 -23.69 -13.44
C ALA B 412 27.64 -23.45 -11.97
N TRP B 413 26.54 -24.04 -11.51
CA TRP B 413 26.15 -23.87 -10.11
C TRP B 413 27.12 -24.60 -9.19
N LYS B 414 27.61 -25.77 -9.60
CA LYS B 414 28.56 -26.49 -8.77
C LYS B 414 29.92 -25.79 -8.73
N ARG B 415 30.24 -25.00 -9.76
CA ARG B 415 31.51 -24.27 -9.74
C ARG B 415 31.45 -23.11 -8.77
N GLU B 416 30.28 -22.46 -8.63
CA GLU B 416 30.09 -21.36 -7.70
C GLU B 416 29.68 -21.82 -6.31
N ALA B 417 29.44 -23.12 -6.12
CA ALA B 417 29.05 -23.64 -4.82
C ALA B 417 30.27 -23.97 -3.96
N PRO B 421 34.72 -27.80 -8.78
CA PRO B 421 34.24 -28.56 -7.63
C PRO B 421 33.17 -29.58 -8.01
N TRP B 422 33.25 -30.11 -9.22
CA TRP B 422 32.29 -31.08 -9.73
C TRP B 422 32.96 -32.44 -9.91
N TYR B 423 32.21 -33.50 -9.62
CA TYR B 423 32.64 -34.88 -9.83
C TYR B 423 31.66 -35.60 -10.74
N PRO B 424 32.15 -36.53 -11.58
CA PRO B 424 31.24 -37.20 -12.53
C PRO B 424 30.23 -38.13 -11.85
N GLY B 425 30.52 -38.63 -10.66
CA GLY B 425 29.60 -39.53 -9.98
C GLY B 425 28.35 -38.84 -9.45
N GLU B 426 28.27 -37.52 -9.55
CA GLU B 426 27.11 -36.79 -9.05
C GLU B 426 25.94 -36.80 -10.02
N THR B 427 26.19 -37.10 -11.30
CA THR B 427 25.13 -37.01 -12.30
C THR B 427 24.07 -38.07 -12.09
N LEU B 428 24.47 -39.30 -11.75
CA LEU B 428 23.50 -40.36 -11.54
C LEU B 428 22.57 -40.06 -10.37
N SER B 429 23.13 -39.53 -9.27
CA SER B 429 22.30 -39.13 -8.15
C SER B 429 21.44 -37.92 -8.51
N VAL B 430 21.96 -37.01 -9.33
CA VAL B 430 21.16 -35.89 -9.81
C VAL B 430 20.07 -36.36 -10.77
N ALA B 431 20.37 -37.41 -11.55
CA ALA B 431 19.39 -37.91 -12.52
C ALA B 431 18.13 -38.40 -11.84
N ILE B 432 18.26 -39.06 -10.70
CA ILE B 432 17.09 -39.52 -9.96
C ILE B 432 16.54 -38.45 -9.01
N GLY B 433 17.37 -37.50 -8.58
CA GLY B 433 16.90 -36.41 -7.75
C GLY B 433 17.55 -36.32 -6.39
N GLN B 434 18.70 -36.97 -6.23
CA GLN B 434 19.41 -36.96 -4.95
C GLN B 434 20.35 -35.76 -4.80
N GLY B 435 20.99 -35.34 -5.90
CA GLY B 435 21.99 -34.29 -5.83
C GLY B 435 21.43 -32.89 -5.67
N ALA B 436 20.73 -32.65 -4.54
CA ALA B 436 20.23 -31.32 -4.19
C ALA B 436 19.33 -30.73 -5.27
N VAL B 437 18.57 -31.57 -5.96
CA VAL B 437 17.64 -31.11 -6.99
C VAL B 437 16.37 -30.63 -6.32
N LEU B 438 16.48 -29.56 -5.52
CA LEU B 438 15.36 -29.11 -4.71
C LEU B 438 14.20 -28.64 -5.58
N ALA B 439 13.02 -29.21 -5.35
CA ALA B 439 11.82 -28.84 -6.09
C ALA B 439 10.66 -28.71 -5.11
N THR B 440 9.60 -28.03 -5.56
CA THR B 440 8.43 -27.80 -4.73
C THR B 440 7.22 -28.55 -5.29
N PRO B 441 6.29 -28.96 -4.42
CA PRO B 441 5.09 -29.65 -4.92
C PRO B 441 4.30 -28.84 -5.94
N ALA B 442 4.33 -27.51 -5.85
CA ALA B 442 3.69 -26.69 -6.87
C ALA B 442 4.40 -26.84 -8.21
N GLN B 443 5.73 -26.70 -8.21
CA GLN B 443 6.50 -26.90 -9.43
C GLN B 443 6.39 -28.33 -9.93
N ILE B 444 6.27 -29.29 -9.02
CA ILE B 444 6.14 -30.69 -9.42
C ILE B 444 4.79 -30.93 -10.09
N ALA B 445 3.73 -30.29 -9.58
CA ALA B 445 2.42 -30.43 -10.19
C ALA B 445 2.37 -29.80 -11.58
N ARG B 446 3.17 -28.76 -11.80
CA ARG B 446 3.20 -28.13 -13.13
C ARG B 446 3.93 -29.01 -14.14
N MET B 447 5.00 -29.68 -13.71
CA MET B 447 5.75 -30.54 -14.63
C MET B 447 4.88 -31.66 -15.18
N LEU B 448 3.99 -32.22 -14.35
CA LEU B 448 3.11 -33.28 -14.83
C LEU B 448 2.01 -32.71 -15.72
N ALA B 449 1.52 -31.50 -15.41
CA ALA B 449 0.49 -30.88 -16.24
C ALA B 449 1.00 -30.60 -17.65
N THR B 450 2.29 -30.31 -17.79
CA THR B 450 2.87 -30.09 -19.11
C THR B 450 2.81 -31.37 -19.93
N ILE B 451 3.19 -32.49 -19.33
CA ILE B 451 3.20 -33.76 -20.06
C ILE B 451 1.78 -34.26 -20.29
N ALA B 452 0.85 -33.93 -19.38
CA ALA B 452 -0.53 -34.35 -19.55
C ALA B 452 -1.17 -33.70 -20.76
N THR B 453 -0.95 -32.39 -20.94
CA THR B 453 -1.49 -31.67 -22.09
C THR B 453 -0.70 -31.92 -23.38
N GLY B 454 0.49 -32.48 -23.28
CA GLY B 454 1.27 -32.79 -24.46
C GLY B 454 1.97 -31.60 -25.08
N GLY B 455 2.48 -30.69 -24.27
CA GLY B 455 3.20 -29.54 -24.79
C GLY B 455 2.88 -28.25 -24.08
N ASN B 456 1.59 -28.01 -23.81
CA ASN B 456 1.17 -26.80 -23.14
C ASN B 456 1.70 -26.76 -21.71
N LYS B 457 2.32 -25.64 -21.35
CA LYS B 457 2.89 -25.42 -20.02
C LYS B 457 2.11 -24.27 -19.37
N PRO B 458 0.96 -24.55 -18.77
CA PRO B 458 0.13 -23.48 -18.23
C PRO B 458 0.71 -22.90 -16.94
N ALA B 459 0.21 -21.71 -16.60
CA ALA B 459 0.61 -21.03 -15.38
C ALA B 459 -0.42 -21.29 -14.28
N LEU B 460 0.08 -21.53 -13.07
CA LEU B 460 -0.77 -21.85 -11.93
C LEU B 460 -1.22 -20.56 -11.28
N HIS B 461 -2.54 -20.39 -11.14
CA HIS B 461 -3.10 -19.19 -10.55
C HIS B 461 -4.31 -19.57 -9.69
N LEU B 462 -4.32 -19.09 -8.45
CA LEU B 462 -5.44 -19.37 -7.56
C LEU B 462 -6.66 -18.55 -7.91
N VAL B 463 -6.46 -17.34 -8.44
CA VAL B 463 -7.55 -16.41 -8.68
C VAL B 463 -8.19 -16.71 -10.02
N LYS B 464 -9.51 -16.84 -10.03
CA LYS B 464 -10.26 -16.96 -11.28
C LYS B 464 -10.73 -15.61 -11.79
N ALA B 465 -11.05 -14.68 -10.88
CA ALA B 465 -11.50 -13.34 -11.24
C ALA B 465 -11.42 -12.39 -10.05
N ILE B 466 -10.89 -11.19 -10.26
CA ILE B 466 -10.90 -10.13 -9.26
C ILE B 466 -12.00 -9.14 -9.62
N GLY B 467 -12.79 -8.73 -8.62
CA GLY B 467 -13.94 -7.90 -8.89
C GLY B 467 -14.93 -8.60 -9.79
N GLY B 468 -14.95 -8.24 -11.06
CA GLY B 468 -15.76 -8.93 -12.04
C GLY B 468 -14.99 -9.22 -13.31
N VAL B 469 -13.70 -8.89 -13.29
CA VAL B 469 -12.83 -9.02 -14.45
C VAL B 469 -12.26 -10.44 -14.47
N PRO B 470 -12.64 -11.28 -15.43
CA PRO B 470 -12.09 -12.64 -15.50
C PRO B 470 -10.63 -12.62 -15.90
N VAL B 471 -9.76 -13.09 -14.99
CA VAL B 471 -8.33 -13.16 -15.28
C VAL B 471 -8.08 -14.26 -16.30
N GLN B 472 -7.52 -13.87 -17.45
CA GLN B 472 -7.25 -14.84 -18.50
C GLN B 472 -5.98 -15.63 -18.16
N PRO B 473 -5.98 -16.94 -18.39
CA PRO B 473 -4.79 -17.74 -18.09
C PRO B 473 -3.75 -17.64 -19.21
N ARG B 474 -2.49 -17.49 -18.80
CA ARG B 474 -1.38 -17.37 -19.74
C ARG B 474 -0.77 -18.75 -19.99
N TRP B 475 -0.58 -19.08 -21.26
CA TRP B 475 -0.03 -20.37 -21.65
C TRP B 475 1.39 -20.21 -22.19
N GLU B 476 2.03 -21.35 -22.39
CA GLU B 476 3.38 -21.41 -22.95
C GLU B 476 3.62 -22.84 -23.43
N LYS B 477 4.16 -22.99 -24.63
CA LYS B 477 4.40 -24.31 -25.21
C LYS B 477 5.88 -24.65 -25.16
N VAL B 478 6.17 -25.94 -25.00
CA VAL B 478 7.54 -26.43 -24.92
C VAL B 478 7.79 -27.39 -26.08
N PRO B 479 8.99 -27.42 -26.65
CA PRO B 479 9.25 -28.31 -27.79
C PRO B 479 9.36 -29.77 -27.39
N GLY B 480 8.27 -30.52 -27.57
CA GLY B 480 8.29 -31.94 -27.26
C GLY B 480 7.96 -32.80 -28.46
N ARG B 481 8.94 -33.58 -28.92
CA ARG B 481 8.74 -34.40 -30.11
C ARG B 481 8.09 -35.74 -29.78
N TYR B 482 8.30 -36.25 -28.57
CA TYR B 482 7.75 -37.54 -28.15
C TYR B 482 7.01 -37.36 -26.83
N TRP B 483 5.73 -36.99 -26.91
CA TRP B 483 4.90 -36.81 -25.71
C TRP B 483 4.18 -38.09 -25.32
N LYS B 484 3.70 -38.86 -26.30
CA LYS B 484 2.91 -40.06 -25.99
C LYS B 484 3.72 -41.09 -25.21
N VAL B 485 5.03 -41.16 -25.47
CA VAL B 485 5.86 -42.13 -24.77
C VAL B 485 5.84 -41.90 -23.27
N LEU B 486 5.96 -40.64 -22.85
CA LEU B 486 5.88 -40.32 -21.43
C LEU B 486 4.48 -40.57 -20.89
N GLN B 487 3.45 -40.20 -21.66
CA GLN B 487 2.08 -40.40 -21.21
C GLN B 487 1.76 -41.88 -21.06
N GLU B 488 2.27 -42.72 -21.96
CA GLU B 488 2.03 -44.16 -21.85
C GLU B 488 2.75 -44.75 -20.65
N GLY B 489 4.00 -44.36 -20.43
CA GLY B 489 4.73 -44.84 -19.26
C GLY B 489 4.11 -44.42 -17.95
N LEU B 490 3.46 -43.26 -17.92
CA LEU B 490 2.79 -42.82 -16.70
C LEU B 490 1.59 -43.70 -16.39
N ARG B 491 0.78 -44.03 -17.42
CA ARG B 491 -0.32 -44.95 -17.18
C ARG B 491 0.18 -46.38 -17.03
N LYS B 492 1.29 -46.73 -17.69
CA LYS B 492 1.88 -48.05 -17.49
C LYS B 492 2.31 -48.24 -16.04
N THR B 493 2.59 -47.14 -15.33
CA THR B 493 2.85 -47.21 -13.90
C THR B 493 1.58 -47.56 -13.13
N VAL B 494 0.45 -46.97 -13.52
CA VAL B 494 -0.82 -47.31 -12.90
C VAL B 494 -1.30 -48.67 -13.38
N SER B 495 -1.12 -48.96 -14.67
CA SER B 495 -1.59 -50.21 -15.23
C SER B 495 -0.76 -51.39 -14.75
N GLU B 496 0.57 -51.26 -14.79
CA GLU B 496 1.45 -52.37 -14.45
C GLU B 496 2.55 -52.02 -13.47
N GLY B 497 2.80 -50.74 -13.20
CA GLY B 497 3.89 -50.38 -12.31
C GLY B 497 3.49 -50.34 -10.85
N THR B 498 3.87 -49.26 -10.16
CA THR B 498 3.71 -49.22 -8.71
C THR B 498 2.26 -49.03 -8.31
N ALA B 499 1.51 -48.19 -9.05
CA ALA B 499 0.13 -47.90 -8.68
C ALA B 499 -0.84 -48.97 -9.18
N ARG B 500 -0.35 -50.22 -9.31
CA ARG B 500 -1.19 -51.28 -9.82
C ARG B 500 -2.30 -51.64 -8.85
N PHE B 501 -2.00 -51.68 -7.55
CA PHE B 501 -2.99 -52.17 -6.59
C PHE B 501 -3.98 -51.09 -6.18
N VAL B 502 -3.59 -49.82 -6.20
CA VAL B 502 -4.52 -48.75 -5.81
C VAL B 502 -5.40 -48.35 -6.98
N LEU B 503 -4.79 -48.02 -8.11
CA LEU B 503 -5.51 -47.44 -9.24
C LEU B 503 -5.68 -48.40 -10.42
N GLY B 504 -5.24 -49.65 -10.28
CA GLY B 504 -5.44 -50.60 -11.37
C GLY B 504 -6.91 -50.87 -11.62
N GLU B 505 -7.65 -51.18 -10.56
CA GLU B 505 -9.10 -51.39 -10.64
C GLU B 505 -9.88 -50.09 -10.54
N PHE B 506 -9.21 -48.95 -10.59
CA PHE B 506 -9.91 -47.67 -10.50
C PHE B 506 -10.71 -47.42 -11.77
N PRO B 507 -11.89 -46.80 -11.66
CA PRO B 507 -12.70 -46.57 -12.88
C PRO B 507 -12.05 -45.63 -13.87
N VAL B 508 -11.59 -44.47 -13.42
CA VAL B 508 -10.96 -43.49 -14.31
C VAL B 508 -9.55 -43.95 -14.65
N PRO B 509 -9.22 -44.16 -15.93
CA PRO B 509 -7.85 -44.54 -16.29
C PRO B 509 -6.84 -43.44 -15.96
N THR B 510 -6.11 -43.62 -14.87
CA THR B 510 -5.16 -42.64 -14.37
C THR B 510 -3.74 -43.04 -14.76
N GLY B 511 -2.89 -42.03 -14.90
CA GLY B 511 -1.47 -42.24 -15.04
C GLY B 511 -0.70 -41.42 -14.02
N GLY B 512 0.50 -41.89 -13.70
CA GLY B 512 1.31 -41.18 -12.74
C GLY B 512 2.59 -41.92 -12.46
N LYS B 513 3.25 -41.51 -11.37
CA LYS B 513 4.53 -42.10 -10.96
C LYS B 513 4.73 -41.86 -9.48
N THR B 514 5.09 -42.91 -8.75
CA THR B 514 5.36 -42.81 -7.32
C THR B 514 6.76 -42.24 -7.08
N GLY B 515 7.00 -41.83 -5.83
CA GLY B 515 8.28 -41.25 -5.49
C GLY B 515 8.65 -41.29 -4.02
N THR B 516 9.87 -41.70 -3.74
CA THR B 516 10.45 -41.63 -2.40
C THR B 516 11.81 -40.96 -2.49
N ALA B 517 12.16 -40.16 -1.49
CA ALA B 517 13.37 -39.34 -1.52
C ALA B 517 14.20 -39.65 -0.28
N GLU B 518 15.35 -40.30 -0.48
CA GLU B 518 16.29 -40.56 0.60
C GLU B 518 16.66 -39.25 1.30
N THR B 519 16.16 -39.06 2.51
CA THR B 519 16.36 -37.79 3.20
C THR B 519 17.84 -37.58 3.51
N PRO B 520 18.35 -36.35 3.36
CA PRO B 520 19.79 -36.11 3.59
C PRO B 520 20.20 -36.21 5.05
N GLY B 521 19.25 -36.26 5.98
CA GLY B 521 19.59 -36.33 7.39
C GLY B 521 20.35 -37.57 7.78
N LYS B 522 19.71 -38.74 7.66
CA LYS B 522 20.36 -39.99 8.03
C LYS B 522 20.13 -41.13 7.05
N ARG B 523 19.17 -41.04 6.13
CA ARG B 523 18.90 -42.09 5.15
C ARG B 523 18.61 -43.42 5.85
N ARG B 524 17.69 -43.37 6.83
CA ARG B 524 17.45 -44.50 7.73
C ARG B 524 16.14 -45.23 7.45
N GLY B 525 15.49 -44.95 6.32
CA GLY B 525 14.28 -45.67 5.94
C GLY B 525 13.02 -44.84 5.94
N LEU B 526 13.08 -43.55 6.24
CA LEU B 526 11.92 -42.66 6.21
C LEU B 526 12.16 -41.62 5.12
N GLU B 527 11.73 -41.94 3.90
CA GLU B 527 11.93 -41.07 2.76
C GLU B 527 10.77 -40.08 2.64
N HIS B 528 10.84 -39.23 1.61
CA HIS B 528 9.77 -38.26 1.35
C HIS B 528 8.73 -38.91 0.45
N ALA B 529 7.49 -38.98 0.92
CA ALA B 529 6.43 -39.63 0.17
C ALA B 529 5.97 -38.72 -0.97
N TRP B 530 6.10 -39.21 -2.20
CA TRP B 530 5.72 -38.46 -3.39
C TRP B 530 4.83 -39.33 -4.27
N TYR B 531 3.85 -38.69 -4.92
CA TYR B 531 3.13 -39.31 -6.02
C TYR B 531 2.47 -38.23 -6.85
N MET B 532 2.63 -38.34 -8.18
CA MET B 532 1.95 -37.47 -9.13
C MET B 532 0.95 -38.30 -9.93
N GLY B 533 -0.12 -37.65 -10.35
CA GLY B 533 -1.14 -38.33 -11.15
C GLY B 533 -2.04 -37.39 -11.91
N TYR B 534 -2.12 -37.56 -13.23
CA TYR B 534 -2.95 -36.70 -14.06
C TYR B 534 -4.22 -37.45 -14.48
N GLY B 535 -5.15 -36.69 -15.08
CA GLY B 535 -6.49 -37.15 -15.33
C GLY B 535 -6.62 -38.22 -16.40
N PRO B 536 -7.78 -38.26 -17.06
CA PRO B 536 -8.08 -39.36 -17.98
C PRO B 536 -7.16 -39.42 -19.19
N THR B 537 -6.32 -40.46 -19.24
CA THR B 537 -5.46 -40.67 -20.40
C THR B 537 -6.26 -41.06 -21.63
N ASP B 538 -7.47 -41.59 -21.45
CA ASP B 538 -8.35 -41.98 -22.54
C ASP B 538 -9.46 -40.94 -22.70
N GLY B 539 -10.10 -40.97 -23.87
CA GLY B 539 -11.19 -40.05 -24.15
C GLY B 539 -12.44 -40.34 -23.36
N SER B 540 -12.32 -40.37 -22.02
CA SER B 540 -13.44 -40.66 -21.14
C SER B 540 -14.08 -39.36 -20.67
N PRO B 541 -15.41 -39.24 -20.74
CA PRO B 541 -16.06 -37.97 -20.35
C PRO B 541 -15.86 -37.62 -18.89
N TYR B 542 -14.62 -37.26 -18.54
CA TYR B 542 -14.27 -36.82 -17.20
C TYR B 542 -13.33 -35.63 -17.35
N PRO B 543 -13.57 -34.53 -16.65
CA PRO B 543 -12.70 -33.35 -16.78
C PRO B 543 -11.29 -33.66 -16.32
N PRO B 544 -10.28 -33.09 -16.97
CA PRO B 544 -8.90 -33.39 -16.61
C PRO B 544 -8.55 -32.88 -15.21
N LEU B 545 -7.63 -33.58 -14.57
CA LEU B 545 -7.21 -33.23 -13.22
C LEU B 545 -5.82 -33.79 -12.96
N VAL B 546 -4.97 -32.98 -12.32
CA VAL B 546 -3.65 -33.39 -11.89
C VAL B 546 -3.58 -33.23 -10.38
N VAL B 547 -3.08 -34.26 -9.69
CA VAL B 547 -2.94 -34.25 -8.23
C VAL B 547 -1.54 -34.68 -7.88
N VAL B 548 -0.92 -33.96 -6.93
CA VAL B 548 0.40 -34.28 -6.42
C VAL B 548 0.37 -34.17 -4.91
N ALA B 549 0.75 -35.24 -4.21
CA ALA B 549 0.75 -35.27 -2.76
C ALA B 549 2.17 -35.46 -2.24
N PHE B 550 2.52 -34.72 -1.20
CA PHE B 550 3.84 -34.78 -0.60
C PHE B 550 3.72 -34.88 0.91
N PHE B 551 4.66 -35.60 1.52
CA PHE B 551 4.70 -35.77 2.97
C PHE B 551 6.16 -35.80 3.42
N GLU B 552 6.51 -34.89 4.33
CA GLU B 552 7.87 -34.84 4.84
C GLU B 552 8.20 -36.10 5.63
N ASN B 553 9.22 -36.83 5.18
CA ASN B 553 9.74 -38.01 5.86
C ASN B 553 8.66 -39.08 6.07
N GLY B 554 7.58 -39.03 5.29
CA GLY B 554 6.52 -40.00 5.45
C GLY B 554 6.93 -41.40 5.00
N GLY B 555 7.74 -41.48 3.94
CA GLY B 555 8.20 -42.76 3.45
C GLY B 555 7.14 -43.54 2.71
N GLU B 556 7.57 -44.39 1.78
CA GLU B 556 6.67 -45.25 1.01
C GLU B 556 5.58 -44.42 0.32
N GLY B 557 6.01 -43.73 -0.75
CA GLY B 557 5.07 -42.96 -1.53
C GLY B 557 3.95 -43.78 -2.11
N SER B 558 4.22 -45.05 -2.41
CA SER B 558 3.17 -45.95 -2.89
C SER B 558 2.17 -46.27 -1.80
N ARG B 559 2.58 -46.21 -0.53
CA ARG B 559 1.71 -46.55 0.58
C ARG B 559 1.07 -45.34 1.26
N VAL B 560 1.66 -44.15 1.10
CA VAL B 560 1.17 -42.94 1.76
C VAL B 560 0.64 -41.94 0.74
N ALA B 561 1.47 -41.54 -0.24
CA ALA B 561 1.06 -40.49 -1.16
C ALA B 561 0.07 -41.02 -2.19
N LEU B 562 0.28 -42.25 -2.68
CA LEU B 562 -0.60 -42.80 -3.70
C LEU B 562 -2.05 -42.89 -3.25
N PRO B 563 -2.39 -43.41 -2.06
CA PRO B 563 -3.80 -43.38 -1.65
C PRO B 563 -4.33 -41.98 -1.40
N ALA B 564 -3.47 -41.04 -1.01
CA ALA B 564 -3.90 -39.66 -0.82
C ALA B 564 -4.40 -39.05 -2.13
N VAL B 565 -3.81 -39.46 -3.25
CA VAL B 565 -4.27 -38.97 -4.54
C VAL B 565 -5.55 -39.68 -4.95
N ARG B 566 -5.68 -40.97 -4.60
CA ARG B 566 -6.91 -41.69 -4.90
C ARG B 566 -8.11 -41.05 -4.21
N LYS B 567 -7.90 -40.51 -3.00
CA LYS B 567 -8.98 -39.84 -2.30
C LYS B 567 -9.40 -38.56 -3.02
N VAL B 568 -8.43 -37.72 -3.37
CA VAL B 568 -8.75 -36.46 -4.04
C VAL B 568 -9.33 -36.73 -5.43
N MET B 569 -8.78 -37.70 -6.14
CA MET B 569 -9.31 -38.03 -7.46
C MET B 569 -10.73 -38.58 -7.36
N ALA B 570 -11.01 -39.38 -6.34
CA ALA B 570 -12.36 -39.89 -6.15
C ALA B 570 -13.34 -38.75 -5.84
N ALA B 571 -12.88 -37.75 -5.08
CA ALA B 571 -13.74 -36.63 -4.75
C ALA B 571 -14.02 -35.75 -5.96
N TYR B 572 -13.08 -35.68 -6.91
CA TYR B 572 -13.26 -34.84 -8.07
C TYR B 572 -14.22 -35.47 -9.07
N TRP B 573 -14.00 -36.73 -9.42
CA TRP B 573 -14.85 -37.44 -10.37
C TRP B 573 -16.05 -38.11 -9.72
N GLY B 574 -16.22 -37.98 -8.40
CA GLY B 574 -17.34 -38.57 -7.72
C GLY B 574 -17.35 -40.09 -7.76
N ILE B 575 -16.26 -40.69 -7.30
CA ILE B 575 -16.12 -42.14 -7.29
C ILE B 575 -16.73 -42.67 -6.00
N LYS B 576 -17.82 -43.42 -6.13
CA LYS B 576 -18.53 -43.96 -4.99
C LYS B 576 -17.77 -45.12 -4.37
N GLY B 577 -17.89 -45.25 -3.05
CA GLY B 577 -17.26 -46.34 -2.33
C GLY B 577 -18.20 -47.52 -2.15
N SER B 578 -18.17 -48.13 -0.97
CA SER B 578 -19.05 -49.26 -0.65
C SER B 578 -20.44 -48.71 -0.33
N LEU B 579 -21.14 -48.31 -1.38
CA LEU B 579 -22.47 -47.70 -1.27
C LEU B 579 -23.45 -48.51 -2.10
N GLU B 580 -23.80 -49.71 -1.62
CA GLU B 580 -24.73 -50.58 -2.31
C GLU B 580 -26.18 -50.16 -2.14
N VAL B 581 -26.46 -49.23 -1.23
CA VAL B 581 -27.83 -48.76 -1.02
C VAL B 581 -28.24 -47.79 -2.11
N UNK C 1 -22.95 -10.07 2.88
CA UNK C 1 -23.90 -9.80 3.95
C UNK C 1 -24.12 -8.30 4.14
N UNK C 2 -23.88 -7.81 5.36
CA UNK C 2 -24.04 -6.40 5.70
C UNK C 2 -22.72 -5.89 6.28
N UNK C 3 -21.78 -5.55 5.41
CA UNK C 3 -20.52 -4.93 5.80
C UNK C 3 -20.55 -3.42 5.68
N UNK C 4 -21.30 -2.88 4.72
CA UNK C 4 -21.46 -1.44 4.58
C UNK C 4 -22.53 -0.88 5.50
N UNK C 5 -23.35 -1.74 6.12
CA UNK C 5 -24.40 -1.30 7.03
C UNK C 5 -23.87 -1.20 8.47
N UNK C 6 -22.87 -0.34 8.63
CA UNK C 6 -22.29 -0.09 9.95
C UNK C 6 -22.61 1.32 10.40
N UNK C 7 -23.87 1.73 10.25
CA UNK C 7 -24.31 3.08 10.61
C UNK C 7 -24.76 3.19 12.06
N UNK C 8 -24.82 2.10 12.80
CA UNK C 8 -25.30 2.13 14.18
C UNK C 8 -24.18 2.53 15.14
N UNK C 9 -24.38 2.26 16.43
CA UNK C 9 -23.40 2.63 17.44
C UNK C 9 -22.22 1.66 17.40
N UNK C 10 -21.02 2.20 17.13
CA UNK C 10 -19.82 1.39 17.06
C UNK C 10 -18.92 1.54 18.28
N UNK C 11 -19.26 2.44 19.20
CA UNK C 11 -18.48 2.67 20.42
C UNK C 11 -17.03 3.00 20.11
#